data_2EMG
#
_entry.id   2EMG
#
loop_
_entity.id
_entity.type
_entity.pdbx_description
1 polymer 'Zinc finger protein 484'
2 non-polymer 'ZINC ION'
#
_entity_poly.entity_id   1
_entity_poly.type   'polypeptide(L)'
_entity_poly.pdbx_seq_one_letter_code
;GSSGSSGTGENPFICSECGKVFTHKTNLIIHQKIHTGERPSGPSSG
;
_entity_poly.pdbx_strand_id   A
#
# COMPACT_ATOMS: atom_id res chain seq x y z
N GLY A 1 -21.20 19.91 17.39
CA GLY A 1 -20.67 20.28 16.09
C GLY A 1 -19.16 20.17 16.03
N SER A 2 -18.67 18.97 15.76
CA SER A 2 -17.23 18.72 15.68
C SER A 2 -16.91 17.69 14.60
N SER A 3 -16.10 18.09 13.63
CA SER A 3 -15.72 17.20 12.54
C SER A 3 -15.15 15.89 13.07
N GLY A 4 -14.28 15.99 14.08
CA GLY A 4 -13.68 14.81 14.66
C GLY A 4 -12.73 14.11 13.71
N SER A 5 -11.89 14.90 13.03
CA SER A 5 -10.93 14.36 12.08
C SER A 5 -9.52 14.37 12.66
N SER A 6 -8.57 13.81 11.93
CA SER A 6 -7.19 13.74 12.37
C SER A 6 -6.24 13.70 11.19
N GLY A 7 -4.96 13.99 11.44
CA GLY A 7 -3.98 13.98 10.38
C GLY A 7 -2.80 14.91 10.67
N THR A 8 -2.01 14.56 11.68
CA THR A 8 -0.86 15.37 12.06
C THR A 8 0.37 14.49 12.28
N GLY A 9 1.14 14.28 11.21
CA GLY A 9 2.33 13.46 11.32
C GLY A 9 2.78 12.92 9.97
N GLU A 10 3.57 13.70 9.25
CA GLU A 10 4.06 13.28 7.95
C GLU A 10 4.42 11.79 7.94
N ASN A 11 4.27 11.16 6.79
CA ASN A 11 4.57 9.74 6.65
C ASN A 11 5.48 9.50 5.44
N PRO A 12 6.40 8.53 5.59
CA PRO A 12 7.35 8.17 4.52
C PRO A 12 6.66 7.48 3.35
N PHE A 13 5.84 6.48 3.64
CA PHE A 13 5.13 5.74 2.62
C PHE A 13 3.95 4.97 3.22
N ILE A 14 2.95 4.69 2.39
CA ILE A 14 1.77 3.96 2.83
C ILE A 14 1.19 3.11 1.71
N CYS A 15 0.82 1.88 2.04
CA CYS A 15 0.25 0.96 1.05
C CYS A 15 -1.20 1.34 0.74
N SER A 16 -1.39 2.20 -0.25
CA SER A 16 -2.72 2.64 -0.63
C SER A 16 -3.70 1.47 -0.63
N GLU A 17 -3.18 0.27 -0.85
CA GLU A 17 -4.00 -0.93 -0.87
C GLU A 17 -4.62 -1.19 0.50
N CYS A 18 -3.78 -1.48 1.49
CA CYS A 18 -4.25 -1.75 2.84
C CYS A 18 -4.03 -0.53 3.73
N GLY A 19 -2.86 0.08 3.61
CA GLY A 19 -2.55 1.25 4.42
C GLY A 19 -1.47 0.97 5.45
N LYS A 20 -0.40 0.30 5.02
CA LYS A 20 0.70 -0.03 5.91
C LYS A 20 1.90 0.88 5.65
N VAL A 21 2.41 1.49 6.72
CA VAL A 21 3.55 2.39 6.62
C VAL A 21 4.86 1.62 6.71
N PHE A 22 5.79 1.94 5.82
CA PHE A 22 7.10 1.28 5.80
C PHE A 22 8.23 2.29 5.94
N THR A 23 9.32 1.89 6.57
CA THR A 23 10.47 2.76 6.76
C THR A 23 11.18 3.04 5.44
N HIS A 24 11.39 1.98 4.66
CA HIS A 24 12.05 2.12 3.37
C HIS A 24 11.09 1.84 2.23
N LYS A 25 11.23 2.60 1.15
CA LYS A 25 10.36 2.44 -0.02
C LYS A 25 10.47 1.04 -0.59
N THR A 26 11.63 0.40 -0.35
CA THR A 26 11.86 -0.95 -0.85
C THR A 26 11.03 -1.98 -0.08
N ASN A 27 10.93 -1.78 1.23
CA ASN A 27 10.17 -2.69 2.08
C ASN A 27 8.68 -2.66 1.71
N LEU A 28 8.19 -1.48 1.35
CA LEU A 28 6.80 -1.32 0.98
C LEU A 28 6.50 -2.02 -0.34
N ILE A 29 7.32 -1.74 -1.35
CA ILE A 29 7.15 -2.35 -2.67
C ILE A 29 7.11 -3.87 -2.56
N ILE A 30 8.00 -4.43 -1.75
CA ILE A 30 8.07 -5.87 -1.56
C ILE A 30 6.79 -6.40 -0.93
N HIS A 31 6.18 -5.58 -0.08
CA HIS A 31 4.94 -5.97 0.59
C HIS A 31 3.77 -5.97 -0.38
N GLN A 32 3.59 -4.86 -1.08
CA GLN A 32 2.50 -4.72 -2.05
C GLN A 32 2.35 -6.00 -2.88
N LYS A 33 3.44 -6.76 -2.98
CA LYS A 33 3.43 -8.01 -3.74
C LYS A 33 2.23 -8.87 -3.37
N ILE A 34 1.91 -8.91 -2.07
CA ILE A 34 0.78 -9.69 -1.59
C ILE A 34 -0.53 -9.22 -2.23
N HIS A 35 -0.57 -7.95 -2.62
CA HIS A 35 -1.76 -7.37 -3.24
C HIS A 35 -1.84 -7.78 -4.70
N THR A 36 -0.69 -7.88 -5.36
CA THR A 36 -0.64 -8.25 -6.76
C THR A 36 -0.27 -9.73 -6.93
N GLY A 37 -1.26 -10.60 -6.76
CA GLY A 37 -1.02 -12.02 -6.89
C GLY A 37 -2.29 -12.84 -6.78
N GLU A 38 -3.30 -12.47 -7.54
CA GLU A 38 -4.59 -13.16 -7.51
C GLU A 38 -5.02 -13.57 -8.92
N ARG A 39 -5.61 -14.75 -9.02
CA ARG A 39 -6.07 -15.27 -10.32
C ARG A 39 -7.49 -14.78 -10.62
N PRO A 40 -7.75 -14.49 -11.91
CA PRO A 40 -9.06 -14.01 -12.36
C PRO A 40 -10.13 -15.10 -12.27
N SER A 41 -11.39 -14.67 -12.36
CA SER A 41 -12.51 -15.61 -12.29
C SER A 41 -12.22 -16.87 -13.09
N GLY A 42 -11.97 -16.70 -14.38
CA GLY A 42 -11.68 -17.83 -15.23
C GLY A 42 -11.84 -17.52 -16.70
N PRO A 43 -12.05 -18.57 -17.52
CA PRO A 43 -12.24 -18.41 -18.97
C PRO A 43 -13.57 -17.75 -19.32
N SER A 44 -14.46 -17.68 -18.35
CA SER A 44 -15.77 -17.07 -18.56
C SER A 44 -15.66 -15.84 -19.45
N SER A 45 -16.02 -16.02 -20.72
CA SER A 45 -15.96 -14.92 -21.69
C SER A 45 -17.23 -14.86 -22.52
N GLY A 46 -17.78 -16.03 -22.84
CA GLY A 46 -19.00 -16.08 -23.63
C GLY A 46 -19.35 -17.49 -24.07
N GLY A 1 -14.80 19.52 -1.45
CA GLY A 1 -15.07 20.21 -0.21
C GLY A 1 -13.91 20.14 0.76
N SER A 2 -13.88 19.08 1.56
CA SER A 2 -12.81 18.88 2.54
C SER A 2 -11.50 18.51 1.86
N SER A 3 -10.80 19.51 1.34
CA SER A 3 -9.53 19.28 0.66
C SER A 3 -8.37 19.33 1.64
N GLY A 4 -8.07 18.19 2.26
CA GLY A 4 -6.97 18.13 3.22
C GLY A 4 -5.69 17.62 2.59
N SER A 5 -5.39 18.10 1.39
CA SER A 5 -4.19 17.69 0.69
C SER A 5 -2.94 18.30 1.34
N SER A 6 -2.47 17.68 2.41
CA SER A 6 -1.30 18.17 3.12
C SER A 6 -0.61 17.03 3.88
N GLY A 7 0.68 17.20 4.16
CA GLY A 7 1.43 16.19 4.87
C GLY A 7 1.21 16.26 6.37
N THR A 8 -0.04 16.41 6.78
CA THR A 8 -0.38 16.50 8.20
C THR A 8 -0.04 15.20 8.93
N GLY A 9 -0.09 14.09 8.19
CA GLY A 9 0.21 12.80 8.78
C GLY A 9 1.69 12.62 9.05
N GLU A 10 2.53 13.25 8.24
CA GLU A 10 3.97 13.16 8.40
C GLU A 10 4.44 11.71 8.28
N ASN A 11 3.93 11.01 7.28
CA ASN A 11 4.29 9.61 7.05
C ASN A 11 5.24 9.48 5.85
N PRO A 12 6.19 8.55 5.95
CA PRO A 12 7.15 8.30 4.88
C PRO A 12 6.52 7.66 3.65
N PHE A 13 5.76 6.59 3.87
CA PHE A 13 5.10 5.89 2.78
C PHE A 13 3.95 5.03 3.29
N ILE A 14 2.90 4.90 2.50
CA ILE A 14 1.74 4.10 2.89
C ILE A 14 1.27 3.22 1.73
N CYS A 15 1.08 1.94 2.02
CA CYS A 15 0.62 0.99 1.01
C CYS A 15 -0.71 1.43 0.40
N SER A 16 -0.76 1.48 -0.93
CA SER A 16 -1.96 1.89 -1.63
C SER A 16 -2.91 0.71 -1.81
N GLU A 17 -2.84 -0.25 -0.90
CA GLU A 17 -3.69 -1.44 -0.96
C GLU A 17 -4.39 -1.68 0.37
N CYS A 18 -3.62 -1.68 1.45
CA CYS A 18 -4.17 -1.90 2.78
C CYS A 18 -4.04 -0.63 3.63
N GLY A 19 -2.84 -0.07 3.67
CA GLY A 19 -2.61 1.13 4.45
C GLY A 19 -1.57 0.94 5.53
N LYS A 20 -0.47 0.28 5.17
CA LYS A 20 0.61 0.02 6.12
C LYS A 20 1.79 0.94 5.87
N VAL A 21 2.41 1.42 6.94
CA VAL A 21 3.56 2.31 6.83
C VAL A 21 4.87 1.53 6.84
N PHE A 22 5.81 1.94 5.99
CA PHE A 22 7.10 1.28 5.90
C PHE A 22 8.24 2.29 5.98
N THR A 23 9.34 1.88 6.61
CA THR A 23 10.50 2.76 6.76
C THR A 23 11.25 2.89 5.44
N HIS A 24 11.45 1.77 4.75
CA HIS A 24 12.16 1.78 3.49
C HIS A 24 11.18 1.69 2.32
N LYS A 25 11.42 2.50 1.29
CA LYS A 25 10.56 2.52 0.11
C LYS A 25 10.49 1.13 -0.54
N THR A 26 11.65 0.48 -0.66
CA THR A 26 11.71 -0.83 -1.26
C THR A 26 10.89 -1.84 -0.47
N ASN A 27 10.95 -1.74 0.85
CA ASN A 27 10.22 -2.64 1.74
C ASN A 27 8.72 -2.56 1.46
N LEU A 28 8.23 -1.34 1.28
CA LEU A 28 6.80 -1.13 1.00
C LEU A 28 6.39 -1.78 -0.31
N ILE A 29 7.21 -1.57 -1.34
CA ILE A 29 6.94 -2.13 -2.66
C ILE A 29 6.86 -3.66 -2.59
N ILE A 30 7.85 -4.28 -1.94
CA ILE A 30 7.88 -5.72 -1.81
C ILE A 30 6.63 -6.24 -1.11
N HIS A 31 6.15 -5.48 -0.12
CA HIS A 31 4.96 -5.85 0.64
C HIS A 31 3.73 -5.86 -0.27
N GLN A 32 3.59 -4.82 -1.08
CA GLN A 32 2.46 -4.71 -1.98
C GLN A 32 2.25 -6.00 -2.76
N LYS A 33 3.29 -6.80 -2.85
CA LYS A 33 3.23 -8.07 -3.57
C LYS A 33 2.15 -8.97 -2.98
N ILE A 34 1.64 -8.59 -1.81
CA ILE A 34 0.60 -9.37 -1.15
C ILE A 34 -0.77 -9.04 -1.71
N HIS A 35 -0.83 -8.05 -2.60
CA HIS A 35 -2.08 -7.64 -3.22
C HIS A 35 -2.04 -7.89 -4.73
N THR A 36 -0.85 -7.79 -5.31
CA THR A 36 -0.69 -8.00 -6.74
C THR A 36 -0.47 -9.48 -7.06
N GLY A 37 -1.00 -9.92 -8.20
CA GLY A 37 -0.85 -11.31 -8.60
C GLY A 37 -1.86 -11.71 -9.65
N GLU A 38 -3.14 -11.70 -9.28
CA GLU A 38 -4.21 -12.09 -10.20
C GLU A 38 -4.37 -11.04 -11.30
N ARG A 39 -4.85 -11.47 -12.47
CA ARG A 39 -5.06 -10.58 -13.59
C ARG A 39 -6.32 -10.95 -14.37
N PRO A 40 -7.11 -9.94 -14.74
CA PRO A 40 -8.35 -10.13 -15.49
C PRO A 40 -8.10 -10.59 -16.92
N SER A 41 -7.21 -9.88 -17.62
CA SER A 41 -6.89 -10.21 -19.00
C SER A 41 -5.76 -9.33 -19.52
N GLY A 42 -4.77 -9.95 -20.15
CA GLY A 42 -3.65 -9.20 -20.70
C GLY A 42 -3.59 -9.25 -22.20
N PRO A 43 -2.73 -8.40 -22.79
CA PRO A 43 -2.56 -8.33 -24.25
C PRO A 43 -1.87 -9.56 -24.82
N SER A 44 -1.40 -10.42 -23.92
CA SER A 44 -0.71 -11.64 -24.33
C SER A 44 -1.41 -12.30 -25.51
N SER A 45 -2.74 -12.37 -25.43
CA SER A 45 -3.53 -12.97 -26.49
C SER A 45 -4.72 -12.09 -26.85
N GLY A 46 -5.44 -12.46 -27.91
CA GLY A 46 -6.59 -11.70 -28.34
C GLY A 46 -7.67 -11.61 -27.28
N GLY A 1 -15.81 16.93 -8.88
CA GLY A 1 -17.00 17.00 -8.05
C GLY A 1 -16.66 17.13 -6.57
N SER A 2 -16.49 15.99 -5.90
CA SER A 2 -16.16 15.98 -4.49
C SER A 2 -14.67 15.77 -4.26
N SER A 3 -13.91 16.85 -4.35
CA SER A 3 -12.46 16.78 -4.17
C SER A 3 -12.02 17.70 -3.04
N GLY A 4 -12.11 17.22 -1.80
CA GLY A 4 -11.72 18.01 -0.66
C GLY A 4 -11.12 17.16 0.45
N SER A 5 -11.94 16.28 1.03
CA SER A 5 -11.48 15.42 2.11
C SER A 5 -10.15 14.76 1.76
N SER A 6 -9.25 14.72 2.73
CA SER A 6 -7.93 14.12 2.52
C SER A 6 -7.47 13.37 3.78
N GLY A 7 -6.50 12.49 3.60
CA GLY A 7 -5.99 11.71 4.72
C GLY A 7 -4.58 11.21 4.48
N THR A 8 -3.69 12.13 4.09
CA THR A 8 -2.30 11.78 3.83
C THR A 8 -1.44 11.99 5.07
N GLY A 9 -1.93 12.81 5.99
CA GLY A 9 -1.19 13.08 7.21
C GLY A 9 0.29 13.27 6.97
N GLU A 10 1.11 12.70 7.84
CA GLU A 10 2.56 12.81 7.71
C GLU A 10 3.22 11.44 7.85
N ASN A 11 3.63 10.88 6.72
CA ASN A 11 4.28 9.57 6.71
C ASN A 11 5.22 9.44 5.52
N PRO A 12 6.21 8.54 5.63
CA PRO A 12 7.19 8.30 4.58
C PRO A 12 6.58 7.59 3.37
N PHE A 13 5.84 6.52 3.63
CA PHE A 13 5.20 5.76 2.57
C PHE A 13 3.99 5.00 3.09
N ILE A 14 2.91 5.00 2.29
CA ILE A 14 1.68 4.32 2.68
C ILE A 14 1.23 3.35 1.60
N CYS A 15 0.70 2.21 2.02
CA CYS A 15 0.22 1.20 1.09
C CYS A 15 -1.27 1.37 0.80
N SER A 16 -1.58 2.27 -0.13
CA SER A 16 -2.97 2.54 -0.49
C SER A 16 -3.78 1.25 -0.55
N GLU A 17 -3.08 0.14 -0.80
CA GLU A 17 -3.73 -1.16 -0.90
C GLU A 17 -4.32 -1.57 0.45
N CYS A 18 -3.44 -1.77 1.44
CA CYS A 18 -3.87 -2.17 2.78
C CYS A 18 -3.89 -0.97 3.72
N GLY A 19 -2.83 -0.17 3.68
CA GLY A 19 -2.75 1.00 4.53
C GLY A 19 -1.66 0.87 5.58
N LYS A 20 -0.53 0.31 5.19
CA LYS A 20 0.60 0.13 6.10
C LYS A 20 1.71 1.13 5.80
N VAL A 21 2.45 1.52 6.84
CA VAL A 21 3.54 2.47 6.68
C VAL A 21 4.90 1.78 6.84
N PHE A 22 5.81 2.04 5.90
CA PHE A 22 7.13 1.45 5.94
C PHE A 22 8.21 2.52 5.97
N THR A 23 9.37 2.19 6.53
CA THR A 23 10.48 3.12 6.61
C THR A 23 11.22 3.23 5.29
N HIS A 24 11.44 2.08 4.65
CA HIS A 24 12.14 2.04 3.38
C HIS A 24 11.23 1.50 2.28
N LYS A 25 11.09 2.26 1.20
CA LYS A 25 10.26 1.85 0.07
C LYS A 25 10.42 0.37 -0.22
N THR A 26 11.66 -0.07 -0.37
CA THR A 26 11.95 -1.48 -0.64
C THR A 26 11.01 -2.39 0.13
N ASN A 27 10.76 -2.06 1.39
CA ASN A 27 9.87 -2.85 2.23
C ASN A 27 8.44 -2.78 1.72
N LEU A 28 8.03 -1.59 1.29
CA LEU A 28 6.68 -1.39 0.79
C LEU A 28 6.51 -2.02 -0.59
N ILE A 29 7.37 -1.64 -1.52
CA ILE A 29 7.32 -2.18 -2.88
C ILE A 29 7.24 -3.70 -2.86
N ILE A 30 8.03 -4.31 -1.99
CA ILE A 30 8.05 -5.77 -1.88
C ILE A 30 6.80 -6.28 -1.17
N HIS A 31 6.33 -5.52 -0.20
CA HIS A 31 5.13 -5.90 0.56
C HIS A 31 3.88 -5.81 -0.32
N GLN A 32 3.92 -4.91 -1.31
CA GLN A 32 2.79 -4.74 -2.21
C GLN A 32 2.53 -5.99 -3.02
N LYS A 33 3.55 -6.87 -3.10
CA LYS A 33 3.44 -8.11 -3.84
C LYS A 33 2.30 -8.97 -3.30
N ILE A 34 1.88 -8.68 -2.07
CA ILE A 34 0.80 -9.42 -1.43
C ILE A 34 -0.56 -8.89 -1.87
N HIS A 35 -0.55 -7.83 -2.66
CA HIS A 35 -1.78 -7.23 -3.15
C HIS A 35 -1.91 -7.40 -4.67
N THR A 36 -0.83 -7.86 -5.30
CA THR A 36 -0.81 -8.06 -6.73
C THR A 36 -1.44 -9.41 -7.11
N GLY A 37 -1.14 -10.43 -6.31
CA GLY A 37 -1.69 -11.75 -6.57
C GLY A 37 -0.79 -12.60 -7.44
N GLU A 38 0.09 -13.36 -6.81
CA GLU A 38 1.02 -14.22 -7.53
C GLU A 38 0.30 -15.42 -8.12
N ARG A 39 0.69 -15.80 -9.34
CA ARG A 39 0.08 -16.94 -10.02
C ARG A 39 0.31 -18.23 -9.24
N PRO A 40 -0.68 -19.13 -9.29
CA PRO A 40 -0.61 -20.42 -8.59
C PRO A 40 0.43 -21.36 -9.22
N SER A 41 0.56 -22.55 -8.64
CA SER A 41 1.52 -23.54 -9.14
C SER A 41 1.46 -23.61 -10.66
N GLY A 42 2.47 -24.24 -11.25
CA GLY A 42 2.54 -24.37 -12.69
C GLY A 42 1.78 -25.57 -13.20
N PRO A 43 2.52 -26.63 -13.58
CA PRO A 43 1.92 -27.87 -14.09
C PRO A 43 1.20 -28.66 -13.01
N SER A 44 1.86 -28.84 -11.88
CA SER A 44 1.27 -29.58 -10.76
C SER A 44 2.14 -29.45 -9.50
N SER A 45 1.50 -29.17 -8.37
CA SER A 45 2.22 -29.02 -7.12
C SER A 45 1.62 -29.92 -6.04
N GLY A 46 0.29 -29.84 -5.89
CA GLY A 46 -0.38 -30.65 -4.90
C GLY A 46 -1.89 -30.48 -4.93
N GLY A 1 -20.06 15.30 2.72
CA GLY A 1 -18.93 15.82 1.97
C GLY A 1 -17.75 16.16 2.87
N SER A 2 -16.95 17.13 2.44
CA SER A 2 -15.77 17.54 3.20
C SER A 2 -15.40 18.98 2.89
N SER A 3 -15.20 19.78 3.94
CA SER A 3 -14.84 21.17 3.78
C SER A 3 -13.63 21.33 2.86
N GLY A 4 -12.51 20.75 3.27
CA GLY A 4 -11.30 20.82 2.48
C GLY A 4 -10.14 20.07 3.10
N SER A 5 -9.39 19.34 2.28
CA SER A 5 -8.26 18.56 2.76
C SER A 5 -6.98 18.98 2.05
N SER A 6 -6.07 19.59 2.80
CA SER A 6 -4.80 20.04 2.22
C SER A 6 -3.75 20.20 3.33
N GLY A 7 -2.57 19.64 3.08
CA GLY A 7 -1.49 19.72 4.06
C GLY A 7 -0.47 18.63 3.88
N THR A 8 0.68 18.78 4.54
CA THR A 8 1.74 17.79 4.46
C THR A 8 1.29 16.43 4.98
N GLY A 9 1.48 15.39 4.17
CA GLY A 9 1.08 14.06 4.57
C GLY A 9 1.65 13.65 5.91
N GLU A 10 2.94 13.92 6.11
CA GLU A 10 3.61 13.58 7.36
C GLU A 10 3.85 12.08 7.45
N ASN A 11 4.24 11.48 6.33
CA ASN A 11 4.51 10.05 6.28
C ASN A 11 5.48 9.71 5.16
N PRO A 12 6.37 8.73 5.41
CA PRO A 12 7.36 8.30 4.43
C PRO A 12 6.73 7.56 3.25
N PHE A 13 5.89 6.57 3.56
CA PHE A 13 5.24 5.78 2.53
C PHE A 13 4.04 5.02 3.11
N ILE A 14 3.05 4.77 2.26
CA ILE A 14 1.86 4.05 2.68
C ILE A 14 1.31 3.18 1.56
N CYS A 15 0.85 1.98 1.92
CA CYS A 15 0.31 1.04 0.94
C CYS A 15 -1.13 1.41 0.58
N SER A 16 -1.34 1.80 -0.66
CA SER A 16 -2.67 2.18 -1.13
C SER A 16 -3.64 1.01 -1.01
N GLU A 17 -3.10 -0.21 -1.00
CA GLU A 17 -3.92 -1.40 -0.88
C GLU A 17 -4.54 -1.51 0.51
N CYS A 18 -3.69 -1.66 1.52
CA CYS A 18 -4.15 -1.78 2.90
C CYS A 18 -3.97 -0.46 3.64
N GLY A 19 -2.74 0.06 3.63
CA GLY A 19 -2.46 1.31 4.31
C GLY A 19 -1.45 1.14 5.43
N LYS A 20 -0.42 0.35 5.18
CA LYS A 20 0.63 0.11 6.17
C LYS A 20 1.84 0.97 5.90
N VAL A 21 2.36 1.60 6.95
CA VAL A 21 3.54 2.47 6.82
C VAL A 21 4.82 1.65 6.88
N PHE A 22 5.75 1.95 5.98
CA PHE A 22 7.02 1.24 5.93
C PHE A 22 8.19 2.20 6.13
N THR A 23 9.28 1.70 6.71
CA THR A 23 10.46 2.52 6.96
C THR A 23 11.30 2.67 5.70
N HIS A 24 11.36 1.61 4.90
CA HIS A 24 12.13 1.64 3.66
C HIS A 24 11.21 1.49 2.45
N LYS A 25 11.19 2.52 1.60
CA LYS A 25 10.36 2.50 0.40
C LYS A 25 10.40 1.13 -0.27
N THR A 26 11.60 0.55 -0.36
CA THR A 26 11.77 -0.74 -0.99
C THR A 26 10.91 -1.80 -0.31
N ASN A 27 10.98 -1.84 1.02
CA ASN A 27 10.21 -2.81 1.81
C ASN A 27 8.73 -2.76 1.42
N LEU A 28 8.19 -1.55 1.34
CA LEU A 28 6.79 -1.36 0.99
C LEU A 28 6.50 -1.95 -0.39
N ILE A 29 7.28 -1.55 -1.38
CA ILE A 29 7.10 -2.04 -2.74
C ILE A 29 7.04 -3.57 -2.77
N ILE A 30 7.92 -4.20 -2.00
CA ILE A 30 7.96 -5.66 -1.93
C ILE A 30 6.71 -6.22 -1.27
N HIS A 31 6.16 -5.47 -0.31
CA HIS A 31 4.96 -5.88 0.40
C HIS A 31 3.73 -5.83 -0.51
N GLN A 32 3.51 -4.67 -1.13
CA GLN A 32 2.38 -4.49 -2.03
C GLN A 32 2.16 -5.74 -2.88
N LYS A 33 3.22 -6.51 -3.08
CA LYS A 33 3.14 -7.74 -3.87
C LYS A 33 2.07 -8.68 -3.31
N ILE A 34 2.08 -8.86 -2.00
CA ILE A 34 1.11 -9.73 -1.34
C ILE A 34 -0.30 -9.47 -1.85
N HIS A 35 -0.54 -8.25 -2.32
CA HIS A 35 -1.85 -7.87 -2.84
C HIS A 35 -2.04 -8.41 -4.26
N THR A 36 -0.96 -8.38 -5.04
CA THR A 36 -1.01 -8.85 -6.42
C THR A 36 -0.45 -10.27 -6.53
N GLY A 37 -1.05 -11.08 -7.41
CA GLY A 37 -0.59 -12.44 -7.60
C GLY A 37 -1.51 -13.23 -8.51
N GLU A 38 -2.56 -13.80 -7.93
CA GLU A 38 -3.51 -14.59 -8.69
C GLU A 38 -4.35 -13.71 -9.60
N ARG A 39 -4.89 -14.30 -10.67
CA ARG A 39 -5.71 -13.56 -11.62
C ARG A 39 -4.96 -12.35 -12.16
N PRO A 40 -3.76 -12.58 -12.71
CA PRO A 40 -2.93 -11.51 -13.27
C PRO A 40 -3.51 -10.94 -14.55
N SER A 41 -2.72 -10.10 -15.23
CA SER A 41 -3.16 -9.48 -16.47
C SER A 41 -2.07 -9.53 -17.53
N GLY A 42 -2.35 -10.20 -18.63
CA GLY A 42 -1.37 -10.31 -19.70
C GLY A 42 -0.91 -11.74 -19.92
N PRO A 43 0.24 -11.90 -20.60
CA PRO A 43 0.81 -13.22 -20.88
C PRO A 43 1.33 -13.92 -19.63
N SER A 44 1.91 -15.09 -19.81
CA SER A 44 2.46 -15.86 -18.70
C SER A 44 3.74 -16.58 -19.10
N SER A 45 4.86 -16.14 -18.54
CA SER A 45 6.15 -16.74 -18.85
C SER A 45 6.26 -18.14 -18.25
N GLY A 46 5.92 -18.25 -16.97
CA GLY A 46 5.97 -19.54 -16.29
C GLY A 46 7.29 -20.26 -16.52
N GLY A 1 -1.55 26.53 7.65
CA GLY A 1 -1.08 26.28 9.00
C GLY A 1 -2.21 26.02 9.97
N SER A 2 -2.68 24.78 10.02
CA SER A 2 -3.77 24.40 10.91
C SER A 2 -3.25 23.56 12.07
N SER A 3 -3.79 23.81 13.27
CA SER A 3 -3.39 23.08 14.46
C SER A 3 -4.35 21.94 14.75
N GLY A 4 -3.86 20.88 15.38
CA GLY A 4 -4.69 19.74 15.71
C GLY A 4 -4.16 18.44 15.12
N SER A 5 -4.50 18.18 13.87
CA SER A 5 -4.06 16.96 13.20
C SER A 5 -2.61 17.08 12.76
N SER A 6 -1.69 16.77 13.67
CA SER A 6 -0.26 16.85 13.38
C SER A 6 0.52 15.88 14.26
N GLY A 7 1.08 14.85 13.62
CA GLY A 7 1.86 13.86 14.35
C GLY A 7 3.36 14.08 14.24
N THR A 8 3.77 15.34 14.41
CA THR A 8 5.19 15.68 14.32
C THR A 8 5.77 15.27 12.97
N GLY A 9 5.01 15.48 11.90
CA GLY A 9 5.47 15.13 10.58
C GLY A 9 4.52 14.17 9.87
N GLU A 10 4.89 13.75 8.67
CA GLU A 10 4.06 12.84 7.89
C GLU A 10 4.79 11.53 7.63
N ASN A 11 4.03 10.47 7.39
CA ASN A 11 4.61 9.15 7.13
C ASN A 11 5.40 9.15 5.82
N PRO A 12 6.40 8.27 5.74
CA PRO A 12 7.25 8.16 4.54
C PRO A 12 6.50 7.56 3.36
N PHE A 13 5.81 6.45 3.59
CA PHE A 13 5.05 5.79 2.54
C PHE A 13 3.89 4.99 3.13
N ILE A 14 2.90 4.69 2.30
CA ILE A 14 1.74 3.94 2.73
C ILE A 14 1.23 3.01 1.63
N CYS A 15 0.73 1.85 2.02
CA CYS A 15 0.22 0.87 1.06
C CYS A 15 -1.23 1.18 0.70
N SER A 16 -1.42 2.02 -0.31
CA SER A 16 -2.76 2.39 -0.75
C SER A 16 -3.70 1.19 -0.72
N GLU A 17 -3.11 0.00 -0.85
CA GLU A 17 -3.91 -1.23 -0.85
C GLU A 17 -4.53 -1.47 0.53
N CYS A 18 -3.69 -1.79 1.50
CA CYS A 18 -4.17 -2.05 2.86
C CYS A 18 -4.10 -0.78 3.70
N GLY A 19 -2.94 -0.13 3.69
CA GLY A 19 -2.78 1.09 4.47
C GLY A 19 -1.69 0.97 5.51
N LYS A 20 -0.59 0.31 5.15
CA LYS A 20 0.53 0.12 6.05
C LYS A 20 1.68 1.05 5.70
N VAL A 21 2.41 1.50 6.71
CA VAL A 21 3.55 2.39 6.50
C VAL A 21 4.87 1.64 6.61
N PHE A 22 5.79 1.94 5.71
CA PHE A 22 7.10 1.29 5.70
C PHE A 22 8.22 2.32 5.70
N THR A 23 9.24 2.07 6.50
CA THR A 23 10.38 2.97 6.59
C THR A 23 11.20 2.98 5.30
N HIS A 24 11.49 1.78 4.78
CA HIS A 24 12.25 1.65 3.55
C HIS A 24 11.32 1.59 2.34
N LYS A 25 11.66 2.35 1.30
CA LYS A 25 10.86 2.39 0.08
C LYS A 25 10.70 0.99 -0.50
N THR A 26 11.79 0.23 -0.51
CA THR A 26 11.77 -1.13 -1.05
C THR A 26 10.93 -2.05 -0.16
N ASN A 27 10.94 -1.78 1.13
CA ASN A 27 10.19 -2.59 2.08
C ASN A 27 8.69 -2.55 1.78
N LEU A 28 8.24 -1.40 1.29
CA LEU A 28 6.82 -1.22 0.96
C LEU A 28 6.49 -1.92 -0.36
N ILE A 29 7.32 -1.70 -1.37
CA ILE A 29 7.12 -2.32 -2.67
C ILE A 29 7.08 -3.84 -2.57
N ILE A 30 8.03 -4.38 -1.81
CA ILE A 30 8.11 -5.83 -1.63
C ILE A 30 6.87 -6.37 -0.93
N HIS A 31 6.27 -5.54 -0.07
CA HIS A 31 5.08 -5.94 0.66
C HIS A 31 3.84 -5.82 -0.23
N GLN A 32 3.76 -4.74 -0.98
CA GLN A 32 2.62 -4.51 -1.87
C GLN A 32 2.36 -5.73 -2.75
N LYS A 33 3.38 -6.56 -2.90
CA LYS A 33 3.27 -7.76 -3.72
C LYS A 33 2.13 -8.65 -3.22
N ILE A 34 1.82 -8.54 -1.94
CA ILE A 34 0.75 -9.33 -1.34
C ILE A 34 -0.61 -8.94 -1.90
N HIS A 35 -0.62 -7.89 -2.73
CA HIS A 35 -1.85 -7.40 -3.34
C HIS A 35 -1.80 -7.54 -4.85
N THR A 36 -0.58 -7.59 -5.40
CA THR A 36 -0.39 -7.72 -6.83
C THR A 36 -0.55 -9.16 -7.28
N GLY A 37 -1.79 -9.58 -7.49
CA GLY A 37 -2.06 -10.95 -7.92
C GLY A 37 -2.46 -11.02 -9.37
N GLU A 38 -2.33 -12.22 -9.96
CA GLU A 38 -2.67 -12.42 -11.36
C GLU A 38 -3.76 -13.49 -11.50
N ARG A 39 -5.02 -13.05 -11.43
CA ARG A 39 -6.14 -13.97 -11.54
C ARG A 39 -7.38 -13.25 -12.07
N PRO A 40 -8.13 -13.93 -12.96
CA PRO A 40 -9.35 -13.37 -13.55
C PRO A 40 -10.48 -13.22 -12.54
N SER A 41 -10.22 -13.66 -11.31
CA SER A 41 -11.22 -13.59 -10.26
C SER A 41 -12.51 -14.32 -10.66
N GLY A 42 -12.34 -15.53 -11.18
CA GLY A 42 -13.48 -16.32 -11.60
C GLY A 42 -13.61 -17.62 -10.84
N PRO A 43 -14.33 -18.58 -11.42
CA PRO A 43 -14.54 -19.90 -10.80
C PRO A 43 -13.27 -20.73 -10.77
N SER A 44 -13.29 -21.80 -9.99
CA SER A 44 -12.14 -22.69 -9.86
C SER A 44 -11.43 -22.85 -11.21
N SER A 45 -10.10 -22.92 -11.17
CA SER A 45 -9.31 -23.07 -12.39
C SER A 45 -8.56 -24.40 -12.38
N GLY A 46 -8.05 -24.78 -13.55
CA GLY A 46 -7.31 -26.03 -13.66
C GLY A 46 -7.05 -26.42 -15.10
N GLY A 1 -18.90 19.35 9.54
CA GLY A 1 -18.08 18.77 8.51
C GLY A 1 -17.43 17.46 8.93
N SER A 2 -16.33 17.56 9.65
CA SER A 2 -15.61 16.37 10.11
C SER A 2 -16.18 15.88 11.44
N SER A 3 -15.69 14.73 11.89
CA SER A 3 -16.15 14.15 13.15
C SER A 3 -15.14 14.39 14.26
N GLY A 4 -13.87 14.14 13.96
CA GLY A 4 -12.82 14.34 14.95
C GLY A 4 -12.12 13.04 15.30
N SER A 5 -11.85 12.21 14.29
CA SER A 5 -11.19 10.94 14.50
C SER A 5 -9.83 10.91 13.80
N SER A 6 -9.84 11.24 12.51
CA SER A 6 -8.61 11.25 11.72
C SER A 6 -7.72 12.42 12.12
N GLY A 7 -6.48 12.42 11.63
CA GLY A 7 -5.55 13.48 11.95
C GLY A 7 -4.73 13.92 10.75
N THR A 8 -3.62 14.61 11.01
CA THR A 8 -2.76 15.09 9.94
C THR A 8 -1.89 13.96 9.38
N GLY A 9 -2.28 13.44 8.22
CA GLY A 9 -1.53 12.36 7.60
C GLY A 9 -0.06 12.72 7.41
N GLU A 10 0.81 12.12 8.23
CA GLU A 10 2.24 12.38 8.14
C GLU A 10 3.03 11.07 8.18
N ASN A 11 3.29 10.49 7.01
CA ASN A 11 4.03 9.25 6.91
C ASN A 11 4.96 9.26 5.71
N PRO A 12 6.02 8.45 5.76
CA PRO A 12 7.01 8.35 4.68
C PRO A 12 6.44 7.66 3.46
N PHE A 13 5.84 6.49 3.66
CA PHE A 13 5.24 5.73 2.57
C PHE A 13 4.18 4.76 3.08
N ILE A 14 2.96 4.92 2.57
CA ILE A 14 1.85 4.07 2.98
C ILE A 14 1.31 3.25 1.80
N CYS A 15 0.74 2.10 2.09
CA CYS A 15 0.19 1.23 1.06
C CYS A 15 -1.27 1.55 0.82
N SER A 16 -1.53 2.48 -0.10
CA SER A 16 -2.88 2.89 -0.44
C SER A 16 -3.79 1.67 -0.57
N GLU A 17 -3.20 0.52 -0.89
CA GLU A 17 -3.95 -0.72 -1.05
C GLU A 17 -4.59 -1.14 0.28
N CYS A 18 -3.76 -1.23 1.32
CA CYS A 18 -4.22 -1.63 2.63
C CYS A 18 -4.09 -0.48 3.63
N GLY A 19 -2.91 0.12 3.68
CA GLY A 19 -2.67 1.22 4.58
C GLY A 19 -1.51 0.95 5.54
N LYS A 20 -0.54 0.18 5.07
CA LYS A 20 0.62 -0.15 5.89
C LYS A 20 1.79 0.78 5.58
N VAL A 21 2.32 1.41 6.62
CA VAL A 21 3.44 2.33 6.46
C VAL A 21 4.77 1.60 6.59
N PHE A 22 5.73 1.95 5.74
CA PHE A 22 7.05 1.33 5.77
C PHE A 22 8.15 2.38 5.83
N THR A 23 9.27 2.03 6.45
CA THR A 23 10.39 2.94 6.58
C THR A 23 11.22 2.97 5.31
N HIS A 24 11.41 1.81 4.69
CA HIS A 24 12.19 1.71 3.47
C HIS A 24 11.27 1.63 2.25
N LYS A 25 11.51 2.50 1.29
CA LYS A 25 10.71 2.53 0.07
C LYS A 25 10.65 1.14 -0.58
N THR A 26 11.73 0.39 -0.46
CA THR A 26 11.81 -0.95 -1.02
C THR A 26 10.96 -1.93 -0.23
N ASN A 27 11.02 -1.82 1.09
CA ASN A 27 10.25 -2.69 1.97
C ASN A 27 8.77 -2.67 1.61
N LEU A 28 8.26 -1.48 1.30
CA LEU A 28 6.86 -1.32 0.93
C LEU A 28 6.55 -2.06 -0.36
N ILE A 29 7.38 -1.85 -1.37
CA ILE A 29 7.20 -2.49 -2.67
C ILE A 29 7.13 -4.00 -2.52
N ILE A 30 8.06 -4.56 -1.75
CA ILE A 30 8.10 -6.01 -1.52
C ILE A 30 6.80 -6.50 -0.89
N HIS A 31 6.19 -5.65 -0.07
CA HIS A 31 4.94 -6.01 0.60
C HIS A 31 3.77 -5.96 -0.38
N GLN A 32 3.55 -4.79 -0.98
CA GLN A 32 2.47 -4.61 -1.93
C GLN A 32 2.28 -5.87 -2.78
N LYS A 33 3.36 -6.60 -3.00
CA LYS A 33 3.31 -7.82 -3.79
C LYS A 33 2.15 -8.71 -3.35
N ILE A 34 2.04 -8.91 -2.05
CA ILE A 34 0.97 -9.74 -1.50
C ILE A 34 -0.37 -9.42 -2.14
N HIS A 35 -0.50 -8.19 -2.64
CA HIS A 35 -1.73 -7.76 -3.28
C HIS A 35 -1.83 -8.32 -4.70
N THR A 36 -0.70 -8.37 -5.39
CA THR A 36 -0.66 -8.90 -6.76
C THR A 36 -1.58 -10.10 -6.91
N GLY A 37 -2.05 -10.32 -8.14
CA GLY A 37 -2.93 -11.45 -8.40
C GLY A 37 -3.80 -11.23 -9.62
N GLU A 38 -5.08 -10.96 -9.39
CA GLU A 38 -6.02 -10.73 -10.48
C GLU A 38 -6.42 -9.26 -10.56
N ARG A 39 -6.58 -8.76 -11.78
CA ARG A 39 -6.96 -7.36 -11.99
C ARG A 39 -7.48 -7.15 -13.41
N PRO A 40 -8.43 -6.23 -13.56
CA PRO A 40 -9.03 -5.90 -14.86
C PRO A 40 -8.05 -5.18 -15.78
N SER A 41 -6.97 -4.66 -15.20
CA SER A 41 -5.96 -3.94 -15.97
C SER A 41 -6.61 -3.02 -16.99
N GLY A 42 -7.67 -2.33 -16.57
CA GLY A 42 -8.37 -1.43 -17.46
C GLY A 42 -9.11 -2.15 -18.57
N PRO A 43 -10.36 -1.74 -18.81
CA PRO A 43 -11.20 -2.34 -19.85
C PRO A 43 -10.71 -2.01 -21.26
N SER A 44 -10.21 -0.79 -21.43
CA SER A 44 -9.72 -0.34 -22.73
C SER A 44 -8.35 -0.95 -23.02
N SER A 45 -8.34 -2.26 -23.24
CA SER A 45 -7.10 -2.97 -23.54
C SER A 45 -7.32 -4.02 -24.63
N GLY A 46 -6.84 -3.72 -25.84
CA GLY A 46 -6.99 -4.63 -26.95
C GLY A 46 -5.72 -5.39 -27.25
N GLY A 1 -14.69 25.55 -1.17
CA GLY A 1 -13.72 26.33 -1.93
C GLY A 1 -12.31 25.78 -1.80
N SER A 2 -11.41 26.57 -1.24
CA SER A 2 -10.03 26.16 -1.06
C SER A 2 -9.93 24.94 -0.15
N SER A 3 -9.81 23.76 -0.76
CA SER A 3 -9.72 22.52 -0.01
C SER A 3 -8.54 21.67 -0.50
N GLY A 4 -7.90 20.96 0.43
CA GLY A 4 -6.77 20.13 0.07
C GLY A 4 -6.54 19.01 1.07
N SER A 5 -7.29 17.93 0.92
CA SER A 5 -7.16 16.79 1.83
C SER A 5 -6.50 15.61 1.12
N SER A 6 -6.19 14.57 1.89
CA SER A 6 -5.56 13.38 1.34
C SER A 6 -4.17 13.71 0.80
N GLY A 7 -3.43 14.52 1.55
CA GLY A 7 -2.09 14.90 1.13
C GLY A 7 -1.04 13.88 1.53
N THR A 8 0.21 14.32 1.62
CA THR A 8 1.31 13.45 2.00
C THR A 8 1.38 13.29 3.52
N GLY A 9 1.19 14.40 4.24
CA GLY A 9 1.24 14.36 5.68
C GLY A 9 2.56 13.83 6.20
N GLU A 10 2.58 13.43 7.47
CA GLU A 10 3.78 12.89 8.09
C GLU A 10 3.87 11.38 7.90
N ASN A 11 4.28 10.95 6.71
CA ASN A 11 4.40 9.53 6.41
C ASN A 11 5.39 9.29 5.28
N PRO A 12 6.33 8.36 5.51
CA PRO A 12 7.36 8.03 4.52
C PRO A 12 6.78 7.30 3.31
N PHE A 13 6.01 6.25 3.57
CA PHE A 13 5.40 5.46 2.51
C PHE A 13 4.22 4.64 3.03
N ILE A 14 3.10 4.71 2.32
CA ILE A 14 1.91 3.97 2.72
C ILE A 14 1.40 3.09 1.59
N CYS A 15 0.96 1.88 1.94
CA CYS A 15 0.45 0.94 0.95
C CYS A 15 -0.92 1.37 0.44
N SER A 16 -1.05 1.47 -0.88
CA SER A 16 -2.31 1.88 -1.49
C SER A 16 -3.25 0.68 -1.66
N GLU A 17 -3.19 -0.24 -0.70
CA GLU A 17 -4.03 -1.43 -0.74
C GLU A 17 -4.67 -1.69 0.63
N CYS A 18 -3.83 -1.76 1.65
CA CYS A 18 -4.31 -2.01 3.02
C CYS A 18 -4.18 -0.75 3.87
N GLY A 19 -3.01 -0.14 3.85
CA GLY A 19 -2.78 1.06 4.63
C GLY A 19 -1.66 0.89 5.65
N LYS A 20 -0.59 0.21 5.24
CA LYS A 20 0.54 -0.02 6.13
C LYS A 20 1.65 1.00 5.85
N VAL A 21 2.49 1.24 6.86
CA VAL A 21 3.59 2.19 6.72
C VAL A 21 4.93 1.47 6.82
N PHE A 22 5.84 1.81 5.92
CA PHE A 22 7.17 1.20 5.90
C PHE A 22 8.26 2.28 5.89
N THR A 23 9.25 2.11 6.76
CA THR A 23 10.35 3.06 6.86
C THR A 23 11.07 3.20 5.52
N HIS A 24 11.38 2.07 4.90
CA HIS A 24 12.07 2.06 3.61
C HIS A 24 11.07 1.94 2.46
N LYS A 25 11.38 2.59 1.34
CA LYS A 25 10.51 2.55 0.17
C LYS A 25 10.47 1.14 -0.42
N THR A 26 11.64 0.57 -0.66
CA THR A 26 11.74 -0.77 -1.22
C THR A 26 10.91 -1.77 -0.42
N ASN A 27 11.09 -1.74 0.90
CA ASN A 27 10.35 -2.65 1.79
C ASN A 27 8.86 -2.62 1.47
N LEU A 28 8.32 -1.42 1.28
CA LEU A 28 6.90 -1.27 0.97
C LEU A 28 6.55 -1.96 -0.35
N ILE A 29 7.31 -1.66 -1.39
CA ILE A 29 7.09 -2.26 -2.70
C ILE A 29 7.00 -3.78 -2.60
N ILE A 30 7.87 -4.37 -1.79
CA ILE A 30 7.89 -5.81 -1.61
C ILE A 30 6.60 -6.30 -0.94
N HIS A 31 6.13 -5.52 0.04
CA HIS A 31 4.91 -5.88 0.76
C HIS A 31 3.69 -5.80 -0.16
N GLN A 32 3.59 -4.69 -0.89
CA GLN A 32 2.47 -4.49 -1.81
C GLN A 32 2.24 -5.73 -2.67
N LYS A 33 3.27 -6.55 -2.78
CA LYS A 33 3.18 -7.77 -3.58
C LYS A 33 2.00 -8.63 -3.14
N ILE A 34 1.67 -8.57 -1.86
CA ILE A 34 0.55 -9.33 -1.31
C ILE A 34 -0.76 -8.90 -1.94
N HIS A 35 -0.72 -7.80 -2.69
CA HIS A 35 -1.92 -7.27 -3.34
C HIS A 35 -1.79 -7.38 -4.86
N THR A 36 -0.58 -7.25 -5.36
CA THR A 36 -0.32 -7.33 -6.80
C THR A 36 -0.99 -8.56 -7.40
N GLY A 37 -2.04 -8.34 -8.18
CA GLY A 37 -2.76 -9.43 -8.81
C GLY A 37 -1.90 -10.16 -9.83
N GLU A 38 -2.24 -11.43 -10.07
CA GLU A 38 -1.49 -12.24 -11.03
C GLU A 38 -2.43 -12.88 -12.04
N ARG A 39 -3.41 -12.11 -12.50
CA ARG A 39 -4.38 -12.61 -13.47
C ARG A 39 -4.40 -11.72 -14.71
N PRO A 40 -4.76 -12.32 -15.86
CA PRO A 40 -4.84 -11.60 -17.14
C PRO A 40 -5.99 -10.60 -17.17
N SER A 41 -7.17 -11.06 -16.81
CA SER A 41 -8.36 -10.21 -16.80
C SER A 41 -8.58 -9.59 -15.43
N GLY A 42 -7.52 -9.05 -14.85
CA GLY A 42 -7.60 -8.44 -13.53
C GLY A 42 -7.83 -6.94 -13.61
N PRO A 43 -7.95 -6.30 -12.44
CA PRO A 43 -8.16 -4.85 -12.35
C PRO A 43 -6.94 -4.05 -12.78
N SER A 44 -6.80 -3.84 -14.08
CA SER A 44 -5.67 -3.10 -14.61
C SER A 44 -6.12 -1.74 -15.16
N SER A 45 -5.32 -0.71 -14.91
CA SER A 45 -5.62 0.63 -15.37
C SER A 45 -5.38 0.76 -16.87
N GLY A 46 -6.44 0.68 -17.66
CA GLY A 46 -6.31 0.80 -19.09
C GLY A 46 -6.00 -0.53 -19.76
N GLY A 1 -15.35 23.34 14.79
CA GLY A 1 -14.10 22.62 14.58
C GLY A 1 -14.32 21.28 13.91
N SER A 2 -13.54 20.27 14.32
CA SER A 2 -13.65 18.94 13.75
C SER A 2 -13.75 19.00 12.23
N SER A 3 -12.94 19.87 11.63
CA SER A 3 -12.94 20.03 10.18
C SER A 3 -11.60 20.59 9.70
N GLY A 4 -11.10 20.04 8.59
CA GLY A 4 -9.84 20.50 8.04
C GLY A 4 -8.67 20.16 8.93
N SER A 5 -7.97 19.07 8.61
CA SER A 5 -6.82 18.63 9.39
C SER A 5 -5.55 19.36 8.95
N SER A 6 -4.51 19.27 9.77
CA SER A 6 -3.24 19.91 9.46
C SER A 6 -2.11 18.89 9.40
N GLY A 7 -0.99 19.28 8.80
CA GLY A 7 0.14 18.39 8.68
C GLY A 7 0.65 17.92 10.03
N THR A 8 0.14 16.78 10.51
CA THR A 8 0.55 16.24 11.79
C THR A 8 1.19 14.86 11.63
N GLY A 9 2.51 14.82 11.80
CA GLY A 9 3.23 13.57 11.66
C GLY A 9 3.26 13.07 10.22
N GLU A 10 4.10 13.68 9.40
CA GLU A 10 4.21 13.30 8.00
C GLU A 10 4.74 11.87 7.88
N ASN A 11 3.96 11.01 7.23
CA ASN A 11 4.34 9.62 7.04
C ASN A 11 5.28 9.47 5.85
N PRO A 12 6.26 8.56 5.99
CA PRO A 12 7.25 8.31 4.93
C PRO A 12 6.64 7.61 3.72
N PHE A 13 5.92 6.52 3.98
CA PHE A 13 5.28 5.76 2.91
C PHE A 13 4.08 4.98 3.44
N ILE A 14 3.12 4.72 2.56
CA ILE A 14 1.92 3.99 2.94
C ILE A 14 1.41 3.13 1.79
N CYS A 15 1.04 1.89 2.10
CA CYS A 15 0.53 0.97 1.09
C CYS A 15 -0.78 1.46 0.51
N SER A 16 -0.84 1.55 -0.82
CA SER A 16 -2.04 2.00 -1.50
C SER A 16 -3.03 0.86 -1.69
N GLU A 17 -2.90 -0.17 -0.86
CA GLU A 17 -3.78 -1.33 -0.95
C GLU A 17 -4.49 -1.57 0.38
N CYS A 18 -3.70 -1.66 1.45
CA CYS A 18 -4.25 -1.89 2.78
C CYS A 18 -4.14 -0.63 3.64
N GLY A 19 -2.93 -0.08 3.73
CA GLY A 19 -2.71 1.12 4.51
C GLY A 19 -1.64 0.93 5.56
N LYS A 20 -0.57 0.24 5.19
CA LYS A 20 0.54 -0.01 6.11
C LYS A 20 1.71 0.93 5.80
N VAL A 21 2.32 1.46 6.86
CA VAL A 21 3.46 2.36 6.71
C VAL A 21 4.77 1.62 6.85
N PHE A 22 5.73 1.92 5.97
CA PHE A 22 7.04 1.28 6.01
C PHE A 22 8.15 2.31 6.14
N THR A 23 9.36 1.84 6.40
CA THR A 23 10.51 2.72 6.56
C THR A 23 11.05 3.16 5.20
N HIS A 24 11.39 2.18 4.36
CA HIS A 24 11.92 2.47 3.04
C HIS A 24 11.02 1.89 1.95
N LYS A 25 10.82 2.66 0.89
CA LYS A 25 9.98 2.23 -0.22
C LYS A 25 10.24 0.77 -0.57
N THR A 26 11.50 0.44 -0.84
CA THR A 26 11.89 -0.92 -1.18
C THR A 26 11.09 -1.94 -0.35
N ASN A 27 11.09 -1.76 0.97
CA ASN A 27 10.37 -2.65 1.86
C ASN A 27 8.89 -2.68 1.52
N LEU A 28 8.30 -1.51 1.36
CA LEU A 28 6.88 -1.40 1.04
C LEU A 28 6.56 -2.12 -0.27
N ILE A 29 7.31 -1.79 -1.32
CA ILE A 29 7.11 -2.41 -2.62
C ILE A 29 7.05 -3.93 -2.51
N ILE A 30 7.93 -4.49 -1.67
CA ILE A 30 7.98 -5.93 -1.47
C ILE A 30 6.69 -6.44 -0.83
N HIS A 31 6.16 -5.66 0.11
CA HIS A 31 4.92 -6.03 0.80
C HIS A 31 3.73 -5.90 -0.12
N GLN A 32 3.65 -4.79 -0.84
CA GLN A 32 2.55 -4.54 -1.77
C GLN A 32 2.32 -5.75 -2.66
N LYS A 33 3.33 -6.60 -2.78
CA LYS A 33 3.23 -7.80 -3.61
C LYS A 33 2.05 -8.65 -3.19
N ILE A 34 1.72 -8.60 -1.91
CA ILE A 34 0.59 -9.38 -1.37
C ILE A 34 -0.72 -8.93 -2.01
N HIS A 35 -0.67 -7.86 -2.79
CA HIS A 35 -1.86 -7.34 -3.45
C HIS A 35 -1.77 -7.52 -4.96
N THR A 36 -0.55 -7.41 -5.49
CA THR A 36 -0.33 -7.56 -6.93
C THR A 36 -0.61 -8.99 -7.37
N GLY A 37 -0.14 -9.96 -6.59
CA GLY A 37 -0.35 -11.35 -6.93
C GLY A 37 -1.77 -11.63 -7.39
N GLU A 38 -2.74 -11.18 -6.60
CA GLU A 38 -4.15 -11.38 -6.93
C GLU A 38 -4.70 -10.20 -7.74
N ARG A 39 -4.51 -10.25 -9.05
CA ARG A 39 -4.99 -9.19 -9.93
C ARG A 39 -5.94 -9.74 -10.98
N PRO A 40 -7.13 -10.17 -10.53
CA PRO A 40 -8.15 -10.72 -11.43
C PRO A 40 -8.77 -9.67 -12.34
N SER A 41 -8.98 -8.48 -11.80
CA SER A 41 -9.56 -7.38 -12.56
C SER A 41 -8.71 -6.12 -12.44
N GLY A 42 -7.83 -5.90 -13.42
CA GLY A 42 -6.97 -4.74 -13.40
C GLY A 42 -7.72 -3.47 -13.75
N PRO A 43 -7.02 -2.32 -13.65
CA PRO A 43 -7.60 -1.01 -13.96
C PRO A 43 -7.87 -0.82 -15.45
N SER A 44 -9.12 -1.02 -15.85
CA SER A 44 -9.50 -0.88 -17.25
C SER A 44 -9.78 0.58 -17.60
N SER A 45 -9.81 0.88 -18.89
CA SER A 45 -10.07 2.24 -19.36
C SER A 45 -11.52 2.39 -19.83
N GLY A 46 -12.14 3.50 -19.43
CA GLY A 46 -13.52 3.75 -19.82
C GLY A 46 -13.65 4.20 -21.27
N GLY A 1 -22.90 18.04 10.73
CA GLY A 1 -22.54 17.05 11.73
C GLY A 1 -21.04 16.94 11.92
N SER A 2 -20.50 15.75 11.67
CA SER A 2 -19.07 15.51 11.82
C SER A 2 -18.27 16.42 10.90
N SER A 3 -17.49 17.32 11.49
CA SER A 3 -16.68 18.25 10.72
C SER A 3 -15.43 17.57 10.18
N GLY A 4 -15.01 17.98 8.99
CA GLY A 4 -13.82 17.40 8.38
C GLY A 4 -12.70 17.19 9.38
N SER A 5 -12.30 15.93 9.58
CA SER A 5 -11.24 15.60 10.51
C SER A 5 -9.99 15.12 9.77
N SER A 6 -8.97 15.97 9.72
CA SER A 6 -7.73 15.64 9.04
C SER A 6 -6.55 15.67 10.01
N GLY A 7 -5.43 15.10 9.59
CA GLY A 7 -4.25 15.07 10.43
C GLY A 7 -3.31 13.94 10.09
N THR A 8 -2.21 14.27 9.42
CA THR A 8 -1.23 13.26 9.03
C THR A 8 0.13 13.56 9.64
N GLY A 9 0.93 12.51 9.85
CA GLY A 9 2.25 12.67 10.42
C GLY A 9 3.35 12.57 9.38
N GLU A 10 3.23 13.34 8.32
CA GLU A 10 4.23 13.33 7.25
C GLU A 10 4.80 11.94 7.05
N ASN A 11 3.92 10.94 7.04
CA ASN A 11 4.34 9.55 6.88
C ASN A 11 5.30 9.41 5.69
N PRO A 12 6.28 8.51 5.82
CA PRO A 12 7.28 8.26 4.78
C PRO A 12 6.68 7.58 3.56
N PHE A 13 5.96 6.49 3.78
CA PHE A 13 5.33 5.75 2.70
C PHE A 13 4.17 4.90 3.22
N ILE A 14 3.13 4.77 2.41
CA ILE A 14 1.96 3.98 2.79
C ILE A 14 1.47 3.11 1.63
N CYS A 15 0.97 1.94 1.95
CA CYS A 15 0.47 1.01 0.94
C CYS A 15 -0.93 1.43 0.46
N SER A 16 -1.06 1.62 -0.85
CA SER A 16 -2.33 2.03 -1.43
C SER A 16 -3.23 0.82 -1.66
N GLU A 17 -3.19 -0.14 -0.73
CA GLU A 17 -4.00 -1.34 -0.83
C GLU A 17 -4.65 -1.67 0.51
N CYS A 18 -3.85 -1.68 1.57
CA CYS A 18 -4.36 -1.97 2.90
C CYS A 18 -4.24 -0.75 3.81
N GLY A 19 -3.05 -0.16 3.85
CA GLY A 19 -2.83 1.01 4.68
C GLY A 19 -1.70 0.81 5.67
N LYS A 20 -0.61 0.23 5.21
CA LYS A 20 0.55 -0.02 6.06
C LYS A 20 1.67 0.96 5.76
N VAL A 21 2.47 1.29 6.78
CA VAL A 21 3.58 2.22 6.62
C VAL A 21 4.92 1.50 6.75
N PHE A 22 5.88 1.92 5.94
CA PHE A 22 7.22 1.32 5.96
C PHE A 22 8.29 2.39 6.04
N THR A 23 9.43 2.04 6.61
CA THR A 23 10.55 2.97 6.75
C THR A 23 11.29 3.13 5.43
N HIS A 24 11.45 2.03 4.70
CA HIS A 24 12.14 2.06 3.42
C HIS A 24 11.20 1.68 2.28
N LYS A 25 11.14 2.52 1.26
CA LYS A 25 10.28 2.27 0.11
C LYS A 25 10.45 0.84 -0.41
N THR A 26 11.70 0.38 -0.43
CA THR A 26 11.99 -0.97 -0.90
C THR A 26 11.10 -2.01 -0.22
N ASN A 27 10.88 -1.83 1.09
CA ASN A 27 10.05 -2.75 1.86
C ASN A 27 8.58 -2.62 1.45
N LEU A 28 8.15 -1.38 1.20
CA LEU A 28 6.77 -1.11 0.81
C LEU A 28 6.47 -1.74 -0.55
N ILE A 29 7.41 -1.59 -1.49
CA ILE A 29 7.25 -2.14 -2.83
C ILE A 29 7.12 -3.66 -2.78
N ILE A 30 7.90 -4.29 -1.91
CA ILE A 30 7.88 -5.74 -1.77
C ILE A 30 6.61 -6.21 -1.06
N HIS A 31 6.14 -5.41 -0.10
CA HIS A 31 4.93 -5.75 0.64
C HIS A 31 3.71 -5.74 -0.28
N GLN A 32 3.55 -4.66 -1.04
CA GLN A 32 2.42 -4.54 -1.96
C GLN A 32 2.21 -5.83 -2.73
N LYS A 33 3.26 -6.64 -2.82
CA LYS A 33 3.18 -7.91 -3.54
C LYS A 33 2.01 -8.74 -3.04
N ILE A 34 1.74 -8.68 -1.75
CA ILE A 34 0.64 -9.42 -1.15
C ILE A 34 -0.69 -9.07 -1.82
N HIS A 35 -0.68 -8.01 -2.62
CA HIS A 35 -1.88 -7.57 -3.31
C HIS A 35 -1.78 -7.87 -4.81
N THR A 36 -0.55 -7.91 -5.32
CA THR A 36 -0.33 -8.18 -6.73
C THR A 36 -0.87 -9.54 -7.13
N GLY A 37 -0.54 -10.56 -6.35
CA GLY A 37 -1.01 -11.90 -6.63
C GLY A 37 -0.38 -12.94 -5.72
N GLU A 38 -1.02 -14.11 -5.63
CA GLU A 38 -0.52 -15.19 -4.79
C GLU A 38 -0.12 -16.39 -5.63
N ARG A 39 -1.09 -16.94 -6.37
CA ARG A 39 -0.85 -18.09 -7.22
C ARG A 39 0.40 -17.88 -8.10
N PRO A 40 1.06 -18.98 -8.46
CA PRO A 40 2.26 -18.94 -9.30
C PRO A 40 1.96 -18.53 -10.73
N SER A 41 2.61 -17.45 -11.17
CA SER A 41 2.40 -16.95 -12.53
C SER A 41 2.31 -18.10 -13.53
N GLY A 42 1.31 -18.02 -14.41
CA GLY A 42 1.13 -19.06 -15.41
C GLY A 42 0.27 -18.60 -16.56
N PRO A 43 -1.05 -18.83 -16.44
CA PRO A 43 -2.01 -18.44 -17.48
C PRO A 43 -2.17 -16.93 -17.59
N SER A 44 -2.28 -16.27 -16.45
CA SER A 44 -2.44 -14.81 -16.42
C SER A 44 -3.43 -14.36 -17.49
N SER A 45 -4.54 -15.07 -17.60
CA SER A 45 -5.57 -14.75 -18.58
C SER A 45 -4.94 -14.37 -19.92
N GLY A 46 -3.92 -15.11 -20.32
CA GLY A 46 -3.24 -14.84 -21.57
C GLY A 46 -2.07 -13.89 -21.40
N GLY A 1 -0.17 32.44 13.55
CA GLY A 1 0.94 31.96 14.35
C GLY A 1 1.36 30.55 13.95
N SER A 2 0.45 29.59 14.08
CA SER A 2 0.75 28.21 13.72
C SER A 2 0.75 28.02 12.21
N SER A 3 1.29 26.89 11.77
CA SER A 3 1.37 26.59 10.34
C SER A 3 0.67 25.28 10.03
N GLY A 4 -0.03 25.25 8.89
CA GLY A 4 -0.74 24.05 8.49
C GLY A 4 -2.07 23.89 9.22
N SER A 5 -2.63 22.68 9.16
CA SER A 5 -3.90 22.40 9.81
C SER A 5 -3.77 21.24 10.78
N SER A 6 -3.22 20.13 10.30
CA SER A 6 -3.04 18.94 11.13
C SER A 6 -1.86 19.11 12.08
N GLY A 7 -0.67 19.30 11.51
CA GLY A 7 0.52 19.48 12.31
C GLY A 7 1.79 19.07 11.58
N THR A 8 2.79 18.62 12.33
CA THR A 8 4.06 18.20 11.75
C THR A 8 4.25 16.70 11.90
N GLY A 9 4.80 16.07 10.87
CA GLY A 9 5.04 14.64 10.90
C GLY A 9 4.37 13.91 9.75
N GLU A 10 5.05 13.84 8.62
CA GLU A 10 4.50 13.17 7.44
C GLU A 10 5.16 11.80 7.25
N ASN A 11 4.36 10.75 7.30
CA ASN A 11 4.86 9.39 7.13
C ASN A 11 5.72 9.29 5.88
N PRO A 12 6.65 8.32 5.86
CA PRO A 12 7.55 8.09 4.74
C PRO A 12 6.82 7.53 3.52
N PHE A 13 6.06 6.47 3.74
CA PHE A 13 5.30 5.83 2.65
C PHE A 13 4.20 4.94 3.22
N ILE A 14 3.03 4.98 2.57
CA ILE A 14 1.90 4.18 3.00
C ILE A 14 1.31 3.39 1.83
N CYS A 15 0.98 2.13 2.09
CA CYS A 15 0.41 1.27 1.06
C CYS A 15 -0.96 1.78 0.62
N SER A 16 -1.13 1.94 -0.69
CA SER A 16 -2.38 2.44 -1.23
C SER A 16 -3.37 1.30 -1.43
N GLU A 17 -3.11 0.18 -0.76
CA GLU A 17 -3.98 -0.99 -0.86
C GLU A 17 -4.66 -1.28 0.48
N CYS A 18 -3.85 -1.58 1.49
CA CYS A 18 -4.37 -1.88 2.82
C CYS A 18 -4.20 -0.68 3.75
N GLY A 19 -2.99 -0.14 3.79
CA GLY A 19 -2.72 1.00 4.65
C GLY A 19 -1.58 0.76 5.61
N LYS A 20 -0.52 0.12 5.13
CA LYS A 20 0.64 -0.18 5.97
C LYS A 20 1.81 0.72 5.61
N VAL A 21 2.39 1.37 6.63
CA VAL A 21 3.53 2.25 6.43
C VAL A 21 4.85 1.49 6.56
N PHE A 22 5.84 1.90 5.77
CA PHE A 22 7.15 1.25 5.80
C PHE A 22 8.26 2.29 5.91
N THR A 23 9.30 1.97 6.66
CA THR A 23 10.43 2.87 6.84
C THR A 23 11.42 2.77 5.69
N HIS A 24 10.97 2.15 4.60
CA HIS A 24 11.81 1.98 3.41
C HIS A 24 10.97 1.78 2.17
N LYS A 25 11.21 2.61 1.16
CA LYS A 25 10.47 2.52 -0.10
C LYS A 25 10.51 1.11 -0.66
N THR A 26 11.63 0.42 -0.44
CA THR A 26 11.79 -0.94 -0.92
C THR A 26 10.89 -1.91 -0.16
N ASN A 27 10.88 -1.79 1.17
CA ASN A 27 10.06 -2.65 2.01
C ASN A 27 8.59 -2.55 1.62
N LEU A 28 8.15 -1.34 1.30
CA LEU A 28 6.76 -1.10 0.91
C LEU A 28 6.44 -1.83 -0.39
N ILE A 29 7.25 -1.61 -1.41
CA ILE A 29 7.05 -2.25 -2.71
C ILE A 29 6.98 -3.76 -2.56
N ILE A 30 7.94 -4.34 -1.85
CA ILE A 30 7.98 -5.77 -1.64
C ILE A 30 6.69 -6.27 -0.99
N HIS A 31 6.12 -5.44 -0.12
CA HIS A 31 4.88 -5.79 0.57
C HIS A 31 3.71 -5.82 -0.40
N GLN A 32 3.52 -4.73 -1.13
CA GLN A 32 2.43 -4.64 -2.10
C GLN A 32 2.25 -5.95 -2.85
N LYS A 33 3.33 -6.72 -2.93
CA LYS A 33 3.29 -8.01 -3.63
C LYS A 33 2.14 -8.86 -3.15
N ILE A 34 1.95 -8.90 -1.83
CA ILE A 34 0.86 -9.69 -1.24
C ILE A 34 -0.48 -9.36 -1.91
N HIS A 35 -0.55 -8.19 -2.53
CA HIS A 35 -1.77 -7.76 -3.21
C HIS A 35 -1.78 -8.24 -4.66
N THR A 36 -0.97 -9.25 -4.96
CA THR A 36 -0.88 -9.79 -6.29
C THR A 36 -0.12 -11.12 -6.30
N GLY A 37 -0.69 -12.12 -6.97
CA GLY A 37 -0.05 -13.42 -7.04
C GLY A 37 0.26 -13.83 -8.47
N GLU A 38 -0.01 -15.10 -8.78
CA GLU A 38 0.25 -15.62 -10.13
C GLU A 38 -1.03 -16.20 -10.74
N ARG A 39 -1.74 -15.37 -11.49
CA ARG A 39 -2.98 -15.79 -12.13
C ARG A 39 -2.82 -15.84 -13.65
N PRO A 40 -2.23 -16.93 -14.15
CA PRO A 40 -2.01 -17.13 -15.58
C PRO A 40 -3.30 -17.36 -16.34
N SER A 41 -3.72 -16.35 -17.09
CA SER A 41 -4.95 -16.44 -17.87
C SER A 41 -4.97 -17.71 -18.72
N GLY A 42 -5.93 -18.59 -18.46
CA GLY A 42 -6.03 -19.82 -19.20
C GLY A 42 -4.73 -20.60 -19.22
N PRO A 43 -4.58 -21.49 -20.21
CA PRO A 43 -3.37 -22.31 -20.36
C PRO A 43 -2.15 -21.49 -20.77
N SER A 44 -1.42 -20.99 -19.79
CA SER A 44 -0.24 -20.19 -20.04
C SER A 44 1.00 -21.08 -20.24
N SER A 45 1.32 -21.85 -19.20
CA SER A 45 2.48 -22.73 -19.24
C SER A 45 2.34 -23.86 -18.20
N GLY A 46 3.25 -24.82 -18.27
CA GLY A 46 3.22 -25.93 -17.33
C GLY A 46 4.30 -25.82 -16.27
N GLY A 1 -18.32 0.35 11.74
CA GLY A 1 -18.79 1.70 11.82
C GLY A 1 -17.86 2.70 11.15
N SER A 2 -18.40 3.85 10.76
CA SER A 2 -17.60 4.87 10.10
C SER A 2 -16.49 5.38 11.01
N SER A 3 -15.43 5.92 10.41
CA SER A 3 -14.30 6.42 11.16
C SER A 3 -13.97 7.87 10.75
N GLY A 4 -13.07 8.49 11.49
CA GLY A 4 -12.69 9.86 11.20
C GLY A 4 -11.81 9.98 9.98
N SER A 5 -10.63 10.59 10.15
CA SER A 5 -9.69 10.76 9.05
C SER A 5 -8.27 10.94 9.57
N SER A 6 -7.30 10.55 8.76
CA SER A 6 -5.89 10.67 9.14
C SER A 6 -5.16 11.65 8.23
N GLY A 7 -3.95 12.02 8.63
CA GLY A 7 -3.16 12.95 7.85
C GLY A 7 -2.42 13.95 8.70
N THR A 8 -2.36 15.20 8.23
CA THR A 8 -1.68 16.26 8.96
C THR A 8 -0.47 15.71 9.71
N GLY A 9 0.36 14.95 9.01
CA GLY A 9 1.55 14.38 9.61
C GLY A 9 2.66 14.12 8.61
N GLU A 10 3.78 13.61 9.09
CA GLU A 10 4.92 13.33 8.22
C GLU A 10 5.15 11.82 8.11
N ASN A 11 4.53 11.21 7.11
CA ASN A 11 4.67 9.77 6.88
C ASN A 11 5.61 9.49 5.72
N PRO A 12 6.45 8.46 5.88
CA PRO A 12 7.42 8.05 4.85
C PRO A 12 6.74 7.45 3.63
N PHE A 13 5.87 6.47 3.86
CA PHE A 13 5.16 5.80 2.79
C PHE A 13 3.94 5.04 3.32
N ILE A 14 2.98 4.79 2.45
CA ILE A 14 1.76 4.07 2.82
C ILE A 14 1.22 3.25 1.67
N CYS A 15 0.73 2.06 1.97
CA CYS A 15 0.17 1.17 0.96
C CYS A 15 -1.23 1.61 0.55
N SER A 16 -1.44 1.77 -0.74
CA SER A 16 -2.74 2.19 -1.27
C SER A 16 -3.67 0.99 -1.42
N GLU A 17 -3.39 -0.07 -0.67
CA GLU A 17 -4.21 -1.28 -0.72
C GLU A 17 -4.84 -1.57 0.63
N CYS A 18 -4.01 -1.66 1.66
CA CYS A 18 -4.49 -1.93 3.01
C CYS A 18 -4.27 -0.73 3.92
N GLY A 19 -3.03 -0.22 3.94
CA GLY A 19 -2.73 0.93 4.77
C GLY A 19 -1.52 0.69 5.65
N LYS A 20 -0.51 0.02 5.11
CA LYS A 20 0.70 -0.28 5.86
C LYS A 20 1.75 0.81 5.66
N VAL A 21 2.60 1.00 6.66
CA VAL A 21 3.64 2.02 6.59
C VAL A 21 5.03 1.37 6.56
N PHE A 22 5.89 1.89 5.70
CA PHE A 22 7.25 1.37 5.58
C PHE A 22 8.27 2.50 5.60
N THR A 23 9.38 2.28 6.28
CA THR A 23 10.44 3.28 6.38
C THR A 23 11.27 3.33 5.11
N HIS A 24 11.50 2.17 4.51
CA HIS A 24 12.28 2.08 3.27
C HIS A 24 11.39 1.69 2.09
N LYS A 25 11.24 2.60 1.15
CA LYS A 25 10.41 2.35 -0.03
C LYS A 25 10.50 0.89 -0.45
N THR A 26 11.72 0.36 -0.50
CA THR A 26 11.94 -1.03 -0.89
C THR A 26 11.02 -1.96 -0.11
N ASN A 27 10.99 -1.78 1.21
CA ASN A 27 10.15 -2.62 2.06
C ASN A 27 8.69 -2.56 1.62
N LEU A 28 8.21 -1.35 1.37
CA LEU A 28 6.82 -1.15 0.93
C LEU A 28 6.53 -1.93 -0.35
N ILE A 29 7.44 -1.82 -1.32
CA ILE A 29 7.29 -2.51 -2.59
C ILE A 29 7.15 -4.02 -2.39
N ILE A 30 7.97 -4.56 -1.48
CA ILE A 30 7.94 -6.00 -1.20
C ILE A 30 6.57 -6.42 -0.67
N HIS A 31 6.04 -5.64 0.26
CA HIS A 31 4.73 -5.93 0.85
C HIS A 31 3.63 -5.85 -0.21
N GLN A 32 3.70 -4.82 -1.06
CA GLN A 32 2.71 -4.63 -2.11
C GLN A 32 2.50 -5.92 -2.90
N LYS A 33 3.48 -6.82 -2.81
CA LYS A 33 3.41 -8.09 -3.52
C LYS A 33 2.14 -8.86 -3.14
N ILE A 34 1.67 -8.64 -1.92
CA ILE A 34 0.47 -9.31 -1.43
C ILE A 34 -0.78 -8.75 -2.11
N HIS A 35 -0.60 -7.66 -2.85
CA HIS A 35 -1.72 -7.03 -3.56
C HIS A 35 -1.51 -7.10 -5.07
N THR A 36 -0.64 -7.99 -5.50
CA THR A 36 -0.36 -8.16 -6.92
C THR A 36 -0.49 -9.61 -7.35
N GLY A 37 -1.49 -10.29 -6.80
CA GLY A 37 -1.71 -11.69 -7.14
C GLY A 37 -0.51 -12.56 -6.82
N GLU A 38 -0.35 -12.91 -5.55
CA GLU A 38 0.76 -13.74 -5.13
C GLU A 38 0.27 -14.97 -4.38
N ARG A 39 -0.51 -14.76 -3.33
CA ARG A 39 -1.05 -15.84 -2.52
C ARG A 39 -2.02 -16.70 -3.35
N PRO A 40 -2.00 -18.02 -3.10
CA PRO A 40 -2.87 -18.97 -3.81
C PRO A 40 -4.34 -18.81 -3.42
N SER A 41 -5.03 -17.89 -4.09
CA SER A 41 -6.43 -17.64 -3.82
C SER A 41 -7.31 -18.11 -4.97
N GLY A 42 -7.01 -17.62 -6.18
CA GLY A 42 -7.77 -18.01 -7.34
C GLY A 42 -7.04 -17.69 -8.64
N PRO A 43 -7.82 -17.46 -9.72
CA PRO A 43 -7.26 -17.14 -11.04
C PRO A 43 -6.64 -15.75 -11.08
N SER A 44 -5.43 -15.66 -11.64
CA SER A 44 -4.72 -14.39 -11.73
C SER A 44 -4.45 -14.04 -13.19
N SER A 45 -4.52 -12.75 -13.50
CA SER A 45 -4.29 -12.28 -14.86
C SER A 45 -2.82 -12.45 -15.24
N GLY A 46 -2.51 -12.19 -16.51
CA GLY A 46 -1.15 -12.32 -16.99
C GLY A 46 -1.04 -12.13 -18.50
N GLY A 1 -18.90 16.63 -1.91
CA GLY A 1 -17.49 16.87 -2.20
C GLY A 1 -16.70 17.20 -0.96
N SER A 2 -15.67 16.41 -0.68
CA SER A 2 -14.83 16.63 0.49
C SER A 2 -13.64 17.51 0.15
N SER A 3 -13.05 18.14 1.16
CA SER A 3 -11.91 19.03 0.96
C SER A 3 -10.84 18.34 0.11
N GLY A 4 -10.37 17.19 0.58
CA GLY A 4 -9.35 16.46 -0.14
C GLY A 4 -8.52 15.56 0.76
N SER A 5 -8.00 14.47 0.20
CA SER A 5 -7.19 13.53 0.97
C SER A 5 -5.75 13.55 0.49
N SER A 6 -4.84 13.95 1.39
CA SER A 6 -3.42 14.02 1.06
C SER A 6 -2.59 13.47 2.20
N GLY A 7 -1.40 12.95 1.87
CA GLY A 7 -0.52 12.40 2.87
C GLY A 7 0.94 12.74 2.61
N THR A 8 1.35 12.60 1.36
CA THR A 8 2.74 12.89 0.97
C THR A 8 3.29 14.07 1.77
N GLY A 9 4.28 13.78 2.62
CA GLY A 9 4.88 14.83 3.43
C GLY A 9 5.26 14.35 4.81
N GLU A 10 4.26 13.99 5.61
CA GLU A 10 4.49 13.52 6.96
C GLU A 10 4.88 12.05 6.96
N ASN A 11 4.03 11.21 6.36
CA ASN A 11 4.28 9.78 6.29
C ASN A 11 5.28 9.46 5.18
N PRO A 12 6.18 8.50 5.46
CA PRO A 12 7.20 8.08 4.50
C PRO A 12 6.60 7.31 3.32
N PHE A 13 5.80 6.29 3.63
CA PHE A 13 5.17 5.48 2.60
C PHE A 13 3.99 4.71 3.18
N ILE A 14 2.83 4.84 2.53
CA ILE A 14 1.63 4.14 2.97
C ILE A 14 1.00 3.33 1.84
N CYS A 15 0.98 2.02 2.00
CA CYS A 15 0.42 1.13 0.99
C CYS A 15 -0.97 1.61 0.56
N SER A 16 -1.13 1.85 -0.74
CA SER A 16 -2.40 2.31 -1.28
C SER A 16 -3.34 1.13 -1.55
N GLU A 17 -3.18 0.07 -0.78
CA GLU A 17 -4.01 -1.11 -0.93
C GLU A 17 -4.57 -1.55 0.42
N CYS A 18 -3.76 -1.43 1.47
CA CYS A 18 -4.18 -1.83 2.81
C CYS A 18 -4.02 -0.66 3.79
N GLY A 19 -2.86 -0.01 3.74
CA GLY A 19 -2.62 1.12 4.63
C GLY A 19 -1.51 0.84 5.63
N LYS A 20 -0.41 0.27 5.13
CA LYS A 20 0.72 -0.05 5.99
C LYS A 20 1.85 0.96 5.81
N VAL A 21 2.52 1.29 6.91
CA VAL A 21 3.62 2.25 6.86
C VAL A 21 4.97 1.53 6.92
N PHE A 22 5.84 1.84 5.95
CA PHE A 22 7.16 1.23 5.88
C PHE A 22 8.25 2.29 6.02
N THR A 23 9.40 1.88 6.56
CA THR A 23 10.52 2.80 6.73
C THR A 23 11.23 3.06 5.42
N HIS A 24 11.54 2.00 4.68
CA HIS A 24 12.21 2.12 3.40
C HIS A 24 11.30 1.68 2.26
N LYS A 25 11.06 2.58 1.31
CA LYS A 25 10.20 2.28 0.18
C LYS A 25 10.33 0.81 -0.23
N THR A 26 11.56 0.39 -0.52
CA THR A 26 11.82 -0.99 -0.92
C THR A 26 10.88 -1.96 -0.20
N ASN A 27 10.84 -1.85 1.12
CA ASN A 27 9.98 -2.72 1.93
C ASN A 27 8.52 -2.63 1.46
N LEU A 28 8.04 -1.41 1.27
CA LEU A 28 6.66 -1.20 0.82
C LEU A 28 6.43 -1.87 -0.53
N ILE A 29 7.34 -1.65 -1.46
CA ILE A 29 7.23 -2.25 -2.79
C ILE A 29 7.11 -3.76 -2.71
N ILE A 30 7.97 -4.37 -1.90
CA ILE A 30 7.97 -5.83 -1.73
C ILE A 30 6.71 -6.29 -1.03
N HIS A 31 6.22 -5.48 -0.08
CA HIS A 31 5.01 -5.81 0.66
C HIS A 31 3.79 -5.76 -0.24
N GLN A 32 3.66 -4.69 -1.01
CA GLN A 32 2.53 -4.52 -1.91
C GLN A 32 2.32 -5.77 -2.75
N LYS A 33 3.35 -6.61 -2.84
CA LYS A 33 3.28 -7.84 -3.61
C LYS A 33 2.15 -8.73 -3.11
N ILE A 34 1.85 -8.63 -1.82
CA ILE A 34 0.79 -9.42 -1.21
C ILE A 34 -0.57 -9.08 -1.83
N HIS A 35 -0.59 -8.06 -2.67
CA HIS A 35 -1.82 -7.64 -3.33
C HIS A 35 -1.75 -7.89 -4.84
N THR A 36 -0.80 -8.72 -5.24
CA THR A 36 -0.62 -9.04 -6.65
C THR A 36 -0.56 -10.55 -6.87
N GLY A 37 -1.59 -11.09 -7.52
CA GLY A 37 -1.63 -12.52 -7.78
C GLY A 37 -2.74 -12.90 -8.75
N GLU A 38 -2.96 -14.20 -8.92
CA GLU A 38 -3.99 -14.69 -9.82
C GLU A 38 -5.09 -15.41 -9.04
N ARG A 39 -6.14 -15.81 -9.76
CA ARG A 39 -7.26 -16.50 -9.13
C ARG A 39 -7.88 -17.51 -10.10
N PRO A 40 -8.28 -18.68 -9.58
CA PRO A 40 -8.89 -19.74 -10.38
C PRO A 40 -10.29 -19.38 -10.86
N SER A 41 -10.95 -20.32 -11.52
CA SER A 41 -12.29 -20.09 -12.04
C SER A 41 -13.32 -20.83 -11.19
N GLY A 42 -13.09 -20.86 -9.88
CA GLY A 42 -14.02 -21.55 -8.99
C GLY A 42 -14.55 -20.62 -7.92
N PRO A 43 -15.71 -21.00 -7.33
CA PRO A 43 -16.37 -20.22 -6.29
C PRO A 43 -15.59 -20.23 -4.98
N SER A 44 -14.81 -19.17 -4.73
CA SER A 44 -14.01 -19.07 -3.52
C SER A 44 -14.87 -18.60 -2.34
N SER A 45 -16.05 -19.21 -2.19
CA SER A 45 -16.96 -18.84 -1.12
C SER A 45 -16.89 -17.34 -0.83
N GLY A 46 -16.83 -16.55 -1.88
CA GLY A 46 -16.77 -15.10 -1.73
C GLY A 46 -17.82 -14.58 -0.78
N GLY A 1 -15.11 24.57 -0.03
CA GLY A 1 -13.86 23.85 0.12
C GLY A 1 -13.72 23.21 1.49
N SER A 2 -12.65 22.43 1.67
CA SER A 2 -12.41 21.75 2.94
C SER A 2 -10.92 21.57 3.18
N SER A 3 -10.51 21.67 4.45
CA SER A 3 -9.11 21.52 4.81
C SER A 3 -8.87 20.21 5.54
N GLY A 4 -7.91 19.43 5.07
CA GLY A 4 -7.60 18.16 5.68
C GLY A 4 -6.19 18.11 6.26
N SER A 5 -6.07 18.47 7.54
CA SER A 5 -4.78 18.48 8.20
C SER A 5 -4.95 18.50 9.73
N SER A 6 -4.23 17.62 10.40
CA SER A 6 -4.31 17.55 11.86
C SER A 6 -3.02 18.07 12.50
N GLY A 7 -1.89 17.47 12.11
CA GLY A 7 -0.62 17.89 12.66
C GLY A 7 0.52 16.99 12.22
N THR A 8 0.84 15.99 13.04
CA THR A 8 1.92 15.06 12.73
C THR A 8 1.58 14.22 11.51
N GLY A 9 2.14 14.60 10.36
CA GLY A 9 1.90 13.87 9.14
C GLY A 9 3.14 13.71 8.28
N GLU A 10 4.21 13.21 8.90
CA GLU A 10 5.47 13.02 8.18
C GLU A 10 5.67 11.54 7.83
N ASN A 11 4.62 10.92 7.32
CA ASN A 11 4.68 9.51 6.95
C ASN A 11 5.62 9.31 5.77
N PRO A 12 6.52 8.32 5.88
CA PRO A 12 7.49 7.99 4.84
C PRO A 12 6.84 7.38 3.60
N PHE A 13 6.02 6.36 3.82
CA PHE A 13 5.33 5.68 2.73
C PHE A 13 4.14 4.88 3.25
N ILE A 14 3.06 4.84 2.47
CA ILE A 14 1.86 4.12 2.85
C ILE A 14 1.39 3.22 1.71
N CYS A 15 0.79 2.09 2.08
CA CYS A 15 0.29 1.13 1.09
C CYS A 15 -1.16 1.45 0.73
N SER A 16 -1.34 2.26 -0.31
CA SER A 16 -2.68 2.64 -0.76
C SER A 16 -3.58 1.42 -0.88
N GLU A 17 -2.97 0.24 -0.97
CA GLU A 17 -3.72 -1.00 -1.08
C GLU A 17 -4.41 -1.34 0.23
N CYS A 18 -3.63 -1.47 1.29
CA CYS A 18 -4.17 -1.79 2.61
C CYS A 18 -4.13 -0.58 3.53
N GLY A 19 -2.97 0.06 3.60
CA GLY A 19 -2.82 1.24 4.44
C GLY A 19 -1.66 1.11 5.42
N LYS A 20 -0.74 0.20 5.12
CA LYS A 20 0.42 -0.02 5.97
C LYS A 20 1.51 1.01 5.69
N VAL A 21 2.37 1.24 6.67
CA VAL A 21 3.47 2.20 6.52
C VAL A 21 4.82 1.50 6.64
N PHE A 22 5.72 1.82 5.73
CA PHE A 22 7.06 1.23 5.73
C PHE A 22 8.13 2.31 5.78
N THR A 23 9.20 2.05 6.53
CA THR A 23 10.30 3.00 6.66
C THR A 23 11.07 3.13 5.35
N HIS A 24 11.38 1.99 4.73
CA HIS A 24 12.11 1.98 3.47
C HIS A 24 11.17 1.75 2.30
N LYS A 25 11.31 2.57 1.27
CA LYS A 25 10.46 2.46 0.08
C LYS A 25 10.48 1.04 -0.47
N THR A 26 11.67 0.46 -0.55
CA THR A 26 11.83 -0.90 -1.06
C THR A 26 10.99 -1.89 -0.25
N ASN A 27 11.01 -1.73 1.07
CA ASN A 27 10.24 -2.61 1.95
C ASN A 27 8.76 -2.61 1.56
N LEU A 28 8.24 -1.44 1.24
CA LEU A 28 6.84 -1.30 0.85
C LEU A 28 6.57 -2.06 -0.45
N ILE A 29 7.31 -1.73 -1.50
CA ILE A 29 7.15 -2.38 -2.78
C ILE A 29 7.09 -3.89 -2.63
N ILE A 30 8.02 -4.44 -1.88
CA ILE A 30 8.07 -5.89 -1.65
C ILE A 30 6.79 -6.38 -0.98
N HIS A 31 6.20 -5.53 -0.14
CA HIS A 31 4.97 -5.87 0.56
C HIS A 31 3.78 -5.87 -0.39
N GLN A 32 3.53 -4.72 -1.01
CA GLN A 32 2.42 -4.58 -1.95
C GLN A 32 2.22 -5.86 -2.75
N LYS A 33 3.31 -6.59 -2.98
CA LYS A 33 3.25 -7.83 -3.74
C LYS A 33 2.12 -8.73 -3.24
N ILE A 34 2.04 -8.89 -1.92
CA ILE A 34 0.99 -9.72 -1.33
C ILE A 34 -0.37 -9.40 -1.93
N HIS A 35 -0.53 -8.16 -2.40
CA HIS A 35 -1.78 -7.73 -3.00
C HIS A 35 -1.91 -8.24 -4.44
N THR A 36 -0.79 -8.26 -5.16
CA THR A 36 -0.77 -8.73 -6.53
C THR A 36 -0.63 -10.24 -6.60
N GLY A 37 -0.35 -10.86 -5.45
CA GLY A 37 -0.18 -12.30 -5.40
C GLY A 37 1.07 -12.77 -6.13
N GLU A 38 2.21 -12.17 -5.79
CA GLU A 38 3.47 -12.53 -6.41
C GLU A 38 4.13 -13.69 -5.67
N ARG A 39 4.42 -14.76 -6.41
CA ARG A 39 5.05 -15.93 -5.82
C ARG A 39 6.07 -16.54 -6.78
N PRO A 40 7.17 -17.08 -6.23
CA PRO A 40 8.23 -17.70 -7.01
C PRO A 40 7.79 -19.02 -7.65
N SER A 41 7.51 -18.98 -8.93
CA SER A 41 7.07 -20.17 -9.65
C SER A 41 8.25 -20.85 -10.35
N GLY A 42 8.66 -22.00 -9.83
CA GLY A 42 9.77 -22.72 -10.41
C GLY A 42 11.12 -22.18 -9.96
N PRO A 43 12.16 -22.47 -10.74
CA PRO A 43 13.53 -22.02 -10.44
C PRO A 43 13.69 -20.51 -10.60
N SER A 44 14.82 -19.99 -10.16
CA SER A 44 15.10 -18.56 -10.25
C SER A 44 16.02 -18.26 -11.43
N SER A 45 15.46 -17.68 -12.48
CA SER A 45 16.24 -17.34 -13.67
C SER A 45 17.16 -16.16 -13.41
N GLY A 46 18.46 -16.40 -13.52
CA GLY A 46 19.43 -15.35 -13.28
C GLY A 46 19.66 -14.48 -14.51
N GLY A 1 -21.45 17.71 11.40
CA GLY A 1 -20.18 18.10 11.99
C GLY A 1 -19.45 16.94 12.63
N SER A 2 -19.15 17.07 13.92
CA SER A 2 -18.45 16.02 14.65
C SER A 2 -17.10 15.72 13.99
N SER A 3 -16.40 16.77 13.59
CA SER A 3 -15.09 16.62 12.95
C SER A 3 -13.99 16.48 13.99
N GLY A 4 -12.87 15.89 13.58
CA GLY A 4 -11.76 15.70 14.48
C GLY A 4 -11.11 14.34 14.34
N SER A 5 -11.06 13.58 15.42
CA SER A 5 -10.45 12.26 15.41
C SER A 5 -9.27 12.21 14.45
N SER A 6 -8.45 13.25 14.49
CA SER A 6 -7.28 13.34 13.63
C SER A 6 -6.05 13.77 14.42
N GLY A 7 -4.89 13.23 14.05
CA GLY A 7 -3.65 13.57 14.73
C GLY A 7 -2.45 13.47 13.83
N THR A 8 -2.06 12.24 13.49
CA THR A 8 -0.91 12.00 12.64
C THR A 8 -1.02 12.79 11.34
N GLY A 9 0.11 13.02 10.69
CA GLY A 9 0.12 13.76 9.44
C GLY A 9 1.27 13.37 8.54
N GLU A 10 2.49 13.60 9.00
CA GLU A 10 3.68 13.27 8.23
C GLU A 10 3.96 11.77 8.26
N ASN A 11 4.30 11.21 7.12
CA ASN A 11 4.60 9.78 7.02
C ASN A 11 5.65 9.51 5.94
N PRO A 12 6.48 8.48 6.18
CA PRO A 12 7.54 8.09 5.25
C PRO A 12 6.98 7.49 3.96
N PHE A 13 6.11 6.51 4.11
CA PHE A 13 5.51 5.84 2.97
C PHE A 13 4.24 5.09 3.36
N ILE A 14 3.28 5.02 2.46
CA ILE A 14 2.02 4.33 2.71
C ILE A 14 1.66 3.39 1.57
N CYS A 15 0.92 2.34 1.90
CA CYS A 15 0.50 1.36 0.89
C CYS A 15 -0.86 1.71 0.32
N SER A 16 -0.93 1.91 -0.99
CA SER A 16 -2.16 2.26 -1.66
C SER A 16 -3.01 1.02 -1.93
N GLU A 17 -2.95 0.06 -1.00
CA GLU A 17 -3.71 -1.18 -1.13
C GLU A 17 -4.38 -1.54 0.17
N CYS A 18 -3.64 -1.45 1.27
CA CYS A 18 -4.16 -1.77 2.59
C CYS A 18 -4.04 -0.58 3.53
N GLY A 19 -2.87 0.03 3.55
CA GLY A 19 -2.64 1.19 4.41
C GLY A 19 -1.59 0.91 5.48
N LYS A 20 -0.50 0.27 5.08
CA LYS A 20 0.58 -0.06 6.01
C LYS A 20 1.73 0.94 5.86
N VAL A 21 2.39 1.24 6.98
CA VAL A 21 3.50 2.17 6.98
C VAL A 21 4.84 1.43 6.98
N PHE A 22 5.71 1.79 6.05
CA PHE A 22 7.02 1.16 5.94
C PHE A 22 8.13 2.20 6.03
N THR A 23 9.23 1.82 6.68
CA THR A 23 10.37 2.72 6.85
C THR A 23 11.09 2.95 5.53
N HIS A 24 11.30 1.86 4.78
CA HIS A 24 11.98 1.94 3.49
C HIS A 24 10.97 1.84 2.34
N LYS A 25 11.20 2.61 1.30
CA LYS A 25 10.32 2.61 0.13
C LYS A 25 10.30 1.24 -0.53
N THR A 26 11.48 0.63 -0.66
CA THR A 26 11.59 -0.68 -1.28
C THR A 26 10.78 -1.72 -0.52
N ASN A 27 10.83 -1.65 0.81
CA ASN A 27 10.09 -2.58 1.65
C ASN A 27 8.60 -2.55 1.33
N LEU A 28 8.07 -1.35 1.15
CA LEU A 28 6.65 -1.19 0.83
C LEU A 28 6.32 -1.81 -0.53
N ILE A 29 7.21 -1.61 -1.49
CA ILE A 29 7.02 -2.16 -2.83
C ILE A 29 6.95 -3.68 -2.80
N ILE A 30 7.84 -4.29 -2.01
CA ILE A 30 7.88 -5.74 -1.90
C ILE A 30 6.64 -6.28 -1.19
N HIS A 31 6.12 -5.49 -0.24
CA HIS A 31 4.94 -5.89 0.50
C HIS A 31 3.71 -5.93 -0.40
N GLN A 32 3.39 -4.77 -1.00
CA GLN A 32 2.23 -4.68 -1.89
C GLN A 32 2.05 -5.97 -2.67
N LYS A 33 3.15 -6.65 -2.97
CA LYS A 33 3.10 -7.91 -3.71
C LYS A 33 2.05 -8.85 -3.13
N ILE A 34 2.09 -9.03 -1.81
CA ILE A 34 1.14 -9.90 -1.13
C ILE A 34 -0.28 -9.67 -1.65
N HIS A 35 -0.54 -8.46 -2.14
CA HIS A 35 -1.86 -8.11 -2.66
C HIS A 35 -2.07 -8.71 -4.05
N THR A 36 -1.01 -8.71 -4.85
CA THR A 36 -1.09 -9.25 -6.20
C THR A 36 -0.27 -10.52 -6.33
N GLY A 37 -0.95 -11.64 -6.59
CA GLY A 37 -0.27 -12.91 -6.72
C GLY A 37 -0.35 -13.75 -5.47
N GLU A 38 -1.58 -13.98 -4.99
CA GLU A 38 -1.79 -14.78 -3.78
C GLU A 38 -2.59 -16.05 -4.10
N ARG A 39 -2.26 -17.13 -3.41
CA ARG A 39 -2.94 -18.40 -3.62
C ARG A 39 -3.19 -18.65 -5.10
N PRO A 40 -2.11 -18.59 -5.90
CA PRO A 40 -2.19 -18.80 -7.35
C PRO A 40 -2.50 -20.26 -7.71
N SER A 41 -2.61 -20.53 -9.00
CA SER A 41 -2.90 -21.88 -9.47
C SER A 41 -1.74 -22.43 -10.31
N GLY A 42 -1.11 -23.48 -9.81
CA GLY A 42 0.00 -24.09 -10.51
C GLY A 42 -0.25 -25.54 -10.86
N PRO A 43 0.77 -26.21 -11.42
CA PRO A 43 0.68 -27.61 -11.81
C PRO A 43 0.61 -28.56 -10.60
N SER A 44 0.53 -27.96 -9.41
CA SER A 44 0.45 -28.74 -8.19
C SER A 44 -0.80 -29.62 -8.17
N SER A 45 -0.74 -30.71 -7.42
CA SER A 45 -1.87 -31.62 -7.32
C SER A 45 -2.88 -31.14 -6.29
N GLY A 46 -2.39 -30.76 -5.11
CA GLY A 46 -3.26 -30.28 -4.05
C GLY A 46 -4.37 -29.39 -4.59
N GLY A 1 -9.77 32.24 2.02
CA GLY A 1 -8.89 31.23 2.58
C GLY A 1 -8.56 30.13 1.59
N SER A 2 -8.75 28.89 2.00
CA SER A 2 -8.46 27.74 1.14
C SER A 2 -7.22 28.00 0.30
N SER A 3 -6.21 28.59 0.92
CA SER A 3 -4.96 28.89 0.22
C SER A 3 -3.77 28.81 1.17
N GLY A 4 -2.87 27.87 0.91
CA GLY A 4 -1.70 27.70 1.74
C GLY A 4 -0.91 26.45 1.41
N SER A 5 0.18 26.22 2.13
CA SER A 5 1.02 25.05 1.90
C SER A 5 0.95 24.08 3.08
N SER A 6 -0.09 23.27 3.12
CA SER A 6 -0.28 22.31 4.21
C SER A 6 -1.46 21.39 3.92
N GLY A 7 -1.57 20.32 4.70
CA GLY A 7 -2.66 19.38 4.52
C GLY A 7 -2.46 18.11 5.32
N THR A 8 -1.41 17.36 4.99
CA THR A 8 -1.11 16.12 5.69
C THR A 8 0.22 15.53 5.23
N GLY A 9 1.00 15.01 6.18
CA GLY A 9 2.28 14.43 5.85
C GLY A 9 3.03 13.94 7.07
N GLU A 10 2.46 12.96 7.75
CA GLU A 10 3.08 12.41 8.96
C GLU A 10 3.48 10.95 8.75
N ASN A 11 3.93 10.64 7.53
CA ASN A 11 4.34 9.28 7.19
C ASN A 11 5.22 9.27 5.95
N PRO A 12 6.28 8.44 5.98
CA PRO A 12 7.23 8.32 4.87
C PRO A 12 6.60 7.65 3.65
N PHE A 13 5.98 6.50 3.87
CA PHE A 13 5.34 5.75 2.79
C PHE A 13 4.13 4.98 3.30
N ILE A 14 3.10 4.89 2.46
CA ILE A 14 1.88 4.18 2.82
C ILE A 14 1.42 3.26 1.69
N CYS A 15 0.84 2.13 2.06
CA CYS A 15 0.35 1.16 1.09
C CYS A 15 -1.04 1.54 0.60
N SER A 16 -1.18 1.70 -0.71
CA SER A 16 -2.47 2.07 -1.30
C SER A 16 -3.33 0.83 -1.54
N GLU A 17 -3.10 -0.19 -0.73
CA GLU A 17 -3.86 -1.44 -0.86
C GLU A 17 -4.51 -1.83 0.47
N CYS A 18 -3.72 -1.76 1.55
CA CYS A 18 -4.21 -2.09 2.88
C CYS A 18 -4.18 -0.88 3.80
N GLY A 19 -3.04 -0.19 3.82
CA GLY A 19 -2.90 0.99 4.66
C GLY A 19 -1.78 0.84 5.67
N LYS A 20 -0.65 0.27 5.23
CA LYS A 20 0.49 0.08 6.10
C LYS A 20 1.63 1.05 5.75
N VAL A 21 2.44 1.39 6.74
CA VAL A 21 3.55 2.30 6.53
C VAL A 21 4.89 1.58 6.65
N PHE A 22 5.84 1.95 5.81
CA PHE A 22 7.16 1.32 5.81
C PHE A 22 8.26 2.39 5.82
N THR A 23 9.34 2.11 6.54
CA THR A 23 10.46 3.04 6.62
C THR A 23 11.20 3.13 5.30
N HIS A 24 11.48 1.97 4.71
CA HIS A 24 12.20 1.92 3.42
C HIS A 24 11.21 1.81 2.27
N LYS A 25 11.52 2.48 1.16
CA LYS A 25 10.66 2.46 -0.02
C LYS A 25 10.52 1.04 -0.55
N THR A 26 11.64 0.34 -0.64
CA THR A 26 11.64 -1.04 -1.14
C THR A 26 10.80 -1.95 -0.24
N ASN A 27 10.94 -1.77 1.06
CA ASN A 27 10.19 -2.57 2.02
C ASN A 27 8.70 -2.59 1.68
N LEU A 28 8.19 -1.44 1.25
CA LEU A 28 6.78 -1.32 0.90
C LEU A 28 6.49 -2.03 -0.43
N ILE A 29 7.34 -1.80 -1.42
CA ILE A 29 7.18 -2.42 -2.72
C ILE A 29 7.09 -3.94 -2.60
N ILE A 30 8.00 -4.52 -1.82
CA ILE A 30 8.02 -5.96 -1.61
C ILE A 30 6.76 -6.44 -0.92
N HIS A 31 6.19 -5.58 -0.07
CA HIS A 31 4.98 -5.91 0.67
C HIS A 31 3.76 -5.84 -0.24
N GLN A 32 3.70 -4.80 -1.06
CA GLN A 32 2.59 -4.61 -1.98
C GLN A 32 2.34 -5.87 -2.81
N LYS A 33 3.36 -6.71 -2.91
CA LYS A 33 3.26 -7.96 -3.66
C LYS A 33 2.10 -8.81 -3.13
N ILE A 34 1.71 -8.58 -1.89
CA ILE A 34 0.62 -9.32 -1.28
C ILE A 34 -0.72 -8.95 -1.90
N HIS A 35 -0.71 -7.90 -2.72
CA HIS A 35 -1.92 -7.44 -3.39
C HIS A 35 -1.81 -7.59 -4.90
N THR A 36 -0.89 -8.46 -5.33
CA THR A 36 -0.68 -8.70 -6.76
C THR A 36 -1.00 -10.15 -7.12
N GLY A 37 -2.01 -10.71 -6.47
CA GLY A 37 -2.40 -12.08 -6.74
C GLY A 37 -3.56 -12.18 -7.70
N GLU A 38 -4.70 -11.65 -7.30
CA GLU A 38 -5.90 -11.69 -8.13
C GLU A 38 -5.57 -11.32 -9.58
N ARG A 39 -6.27 -11.96 -10.52
CA ARG A 39 -6.05 -11.70 -11.93
C ARG A 39 -7.11 -12.39 -12.78
N PRO A 40 -7.76 -11.62 -13.67
CA PRO A 40 -8.80 -12.12 -14.55
C PRO A 40 -8.25 -13.06 -15.63
N SER A 41 -8.97 -14.15 -15.88
CA SER A 41 -8.55 -15.13 -16.88
C SER A 41 -9.63 -15.32 -17.93
N GLY A 42 -10.12 -14.21 -18.48
CA GLY A 42 -11.16 -14.29 -19.50
C GLY A 42 -10.58 -14.32 -20.91
N PRO A 43 -11.44 -14.02 -21.90
CA PRO A 43 -11.03 -14.01 -23.31
C PRO A 43 -10.08 -12.86 -23.63
N SER A 44 -9.93 -11.94 -22.69
CA SER A 44 -9.06 -10.79 -22.89
C SER A 44 -7.65 -11.10 -22.39
N SER A 45 -6.68 -11.02 -23.29
CA SER A 45 -5.29 -11.30 -22.95
C SER A 45 -4.92 -10.67 -21.61
N GLY A 46 -4.34 -11.47 -20.73
CA GLY A 46 -3.95 -10.98 -19.42
C GLY A 46 -2.92 -11.85 -18.75
N GLY A 1 -22.78 0.47 12.34
CA GLY A 1 -21.76 1.11 11.54
C GLY A 1 -20.99 0.12 10.69
N SER A 2 -20.81 0.47 9.41
CA SER A 2 -20.09 -0.40 8.48
C SER A 2 -18.71 0.16 8.17
N SER A 3 -18.66 1.44 7.84
CA SER A 3 -17.40 2.10 7.50
C SER A 3 -17.41 3.56 7.97
N GLY A 4 -16.22 4.16 8.03
CA GLY A 4 -16.12 5.54 8.46
C GLY A 4 -14.84 5.82 9.23
N SER A 5 -13.74 5.94 8.49
CA SER A 5 -12.44 6.20 9.12
C SER A 5 -11.55 7.03 8.20
N SER A 6 -10.91 8.05 8.76
CA SER A 6 -10.03 8.91 7.99
C SER A 6 -8.76 8.18 7.57
N GLY A 7 -8.08 8.72 6.57
CA GLY A 7 -6.86 8.10 6.09
C GLY A 7 -5.87 9.11 5.53
N THR A 8 -5.39 10.00 6.39
CA THR A 8 -4.44 11.03 5.99
C THR A 8 -3.45 11.34 7.11
N GLY A 9 -2.25 11.76 6.73
CA GLY A 9 -1.23 12.08 7.71
C GLY A 9 0.15 12.17 7.11
N GLU A 10 1.10 12.74 7.85
CA GLU A 10 2.47 12.88 7.38
C GLU A 10 3.23 11.57 7.52
N ASN A 11 3.24 10.77 6.44
CA ASN A 11 3.93 9.49 6.45
C ASN A 11 4.91 9.42 5.28
N PRO A 12 5.98 8.62 5.47
CA PRO A 12 7.02 8.43 4.45
C PRO A 12 6.52 7.63 3.26
N PHE A 13 5.91 6.48 3.53
CA PHE A 13 5.38 5.62 2.47
C PHE A 13 4.27 4.73 3.01
N ILE A 14 3.09 4.85 2.42
CA ILE A 14 1.94 4.05 2.83
C ILE A 14 1.45 3.16 1.69
N CYS A 15 0.84 2.03 2.05
CA CYS A 15 0.32 1.10 1.05
C CYS A 15 -1.13 1.42 0.72
N SER A 16 -1.32 2.26 -0.29
CA SER A 16 -2.66 2.65 -0.71
C SER A 16 -3.61 1.45 -0.69
N GLU A 17 -3.05 0.26 -0.85
CA GLU A 17 -3.85 -0.97 -0.84
C GLU A 17 -4.49 -1.19 0.52
N CYS A 18 -3.67 -1.49 1.52
CA CYS A 18 -4.16 -1.73 2.86
C CYS A 18 -3.96 -0.51 3.74
N GLY A 19 -2.74 0.03 3.73
CA GLY A 19 -2.43 1.20 4.54
C GLY A 19 -1.32 0.96 5.53
N LYS A 20 -0.27 0.25 5.08
CA LYS A 20 0.87 -0.04 5.94
C LYS A 20 2.02 0.91 5.68
N VAL A 21 2.61 1.44 6.74
CA VAL A 21 3.72 2.36 6.61
C VAL A 21 5.06 1.63 6.72
N PHE A 22 5.96 1.95 5.80
CA PHE A 22 7.28 1.32 5.78
C PHE A 22 8.39 2.36 5.89
N THR A 23 9.35 2.12 6.78
CA THR A 23 10.46 3.04 6.97
C THR A 23 11.31 3.15 5.71
N HIS A 24 11.17 2.18 4.82
CA HIS A 24 11.92 2.17 3.57
C HIS A 24 11.07 1.67 2.42
N LYS A 25 10.78 2.55 1.46
CA LYS A 25 9.98 2.19 0.30
C LYS A 25 10.22 0.74 -0.10
N THR A 26 11.49 0.36 -0.18
CA THR A 26 11.86 -1.01 -0.56
C THR A 26 10.85 -2.02 -0.01
N ASN A 27 10.70 -2.03 1.31
CA ASN A 27 9.77 -2.95 1.96
C ASN A 27 8.37 -2.81 1.38
N LEU A 28 7.92 -1.57 1.24
CA LEU A 28 6.59 -1.29 0.69
C LEU A 28 6.42 -1.93 -0.68
N ILE A 29 7.44 -1.76 -1.53
CA ILE A 29 7.40 -2.33 -2.87
C ILE A 29 7.33 -3.86 -2.82
N ILE A 30 8.02 -4.45 -1.87
CA ILE A 30 8.04 -5.90 -1.71
C ILE A 30 6.73 -6.39 -1.08
N HIS A 31 6.17 -5.59 -0.19
CA HIS A 31 4.93 -5.94 0.48
C HIS A 31 3.75 -5.90 -0.50
N GLN A 32 3.51 -4.73 -1.08
CA GLN A 32 2.42 -4.56 -2.03
C GLN A 32 2.22 -5.82 -2.86
N LYS A 33 3.30 -6.55 -3.10
CA LYS A 33 3.24 -7.78 -3.88
C LYS A 33 2.11 -8.67 -3.39
N ILE A 34 2.04 -8.87 -2.08
CA ILE A 34 1.00 -9.71 -1.49
C ILE A 34 -0.36 -9.40 -2.09
N HIS A 35 -0.51 -8.17 -2.60
CA HIS A 35 -1.78 -7.75 -3.20
C HIS A 35 -1.88 -8.25 -4.64
N THR A 36 -0.75 -8.27 -5.34
CA THR A 36 -0.72 -8.72 -6.72
C THR A 36 -0.42 -10.22 -6.81
N GLY A 37 -0.20 -10.83 -5.65
CA GLY A 37 0.10 -12.26 -5.62
C GLY A 37 -0.78 -13.01 -4.65
N GLU A 38 -2.09 -12.82 -4.76
CA GLU A 38 -3.04 -13.48 -3.88
C GLU A 38 -3.48 -14.83 -4.46
N ARG A 39 -3.09 -15.91 -3.78
CA ARG A 39 -3.43 -17.25 -4.22
C ARG A 39 -4.03 -18.07 -3.09
N PRO A 40 -5.25 -18.57 -3.29
CA PRO A 40 -5.96 -19.38 -2.30
C PRO A 40 -5.31 -20.75 -2.10
N SER A 41 -4.71 -21.27 -3.16
CA SER A 41 -4.06 -22.57 -3.11
C SER A 41 -4.98 -23.61 -2.48
N GLY A 42 -6.28 -23.50 -2.77
CA GLY A 42 -7.24 -24.43 -2.21
C GLY A 42 -8.67 -23.92 -2.32
N PRO A 43 -9.15 -23.29 -1.24
CA PRO A 43 -10.51 -22.75 -1.19
C PRO A 43 -10.68 -21.54 -2.10
N SER A 44 -11.73 -21.55 -2.91
CA SER A 44 -12.01 -20.44 -3.83
C SER A 44 -13.14 -19.57 -3.30
N SER A 45 -13.30 -18.40 -3.91
CA SER A 45 -14.35 -17.47 -3.51
C SER A 45 -14.32 -17.25 -1.99
N GLY A 46 -13.12 -17.12 -1.43
CA GLY A 46 -12.99 -16.92 -0.01
C GLY A 46 -13.85 -15.78 0.50
N GLY A 1 -16.50 29.50 11.42
CA GLY A 1 -15.20 28.93 11.74
C GLY A 1 -14.76 27.89 10.73
N SER A 2 -14.49 26.69 11.22
CA SER A 2 -14.05 25.59 10.35
C SER A 2 -14.64 24.26 10.81
N SER A 3 -14.75 23.32 9.89
CA SER A 3 -15.30 22.01 10.19
C SER A 3 -14.20 21.02 10.53
N GLY A 4 -13.98 20.79 11.82
CA GLY A 4 -12.95 19.86 12.25
C GLY A 4 -11.57 20.30 11.81
N SER A 5 -10.55 19.79 12.49
CA SER A 5 -9.17 20.13 12.17
C SER A 5 -8.20 19.14 12.83
N SER A 6 -7.17 18.74 12.07
CA SER A 6 -6.18 17.80 12.57
C SER A 6 -4.79 18.44 12.60
N GLY A 7 -4.72 19.66 13.12
CA GLY A 7 -3.46 20.37 13.19
C GLY A 7 -2.56 20.07 12.00
N THR A 8 -1.50 19.30 12.25
CA THR A 8 -0.56 18.94 11.20
C THR A 8 -0.08 17.50 11.35
N GLY A 9 0.26 16.87 10.23
CA GLY A 9 0.73 15.49 10.26
C GLY A 9 1.69 15.18 9.13
N GLU A 10 2.40 14.06 9.25
CA GLU A 10 3.36 13.65 8.24
C GLU A 10 3.47 12.13 8.17
N ASN A 11 3.83 11.61 7.00
CA ASN A 11 3.97 10.17 6.81
C ASN A 11 4.94 9.87 5.67
N PRO A 12 5.84 8.91 5.90
CA PRO A 12 6.84 8.50 4.91
C PRO A 12 6.21 7.76 3.74
N PHE A 13 6.14 6.44 3.85
CA PHE A 13 5.56 5.61 2.79
C PHE A 13 4.30 4.91 3.28
N ILE A 14 3.32 4.77 2.39
CA ILE A 14 2.06 4.13 2.72
C ILE A 14 1.60 3.21 1.61
N CYS A 15 0.80 2.20 1.96
CA CYS A 15 0.29 1.25 0.98
C CYS A 15 -1.15 1.59 0.59
N SER A 16 -1.34 1.90 -0.69
CA SER A 16 -2.67 2.25 -1.19
C SER A 16 -3.56 1.03 -1.25
N GLU A 17 -3.02 -0.13 -0.88
CA GLU A 17 -3.77 -1.37 -0.89
C GLU A 17 -4.42 -1.63 0.46
N CYS A 18 -3.64 -1.49 1.53
CA CYS A 18 -4.14 -1.71 2.88
C CYS A 18 -4.03 -0.44 3.72
N GLY A 19 -2.83 0.15 3.73
CA GLY A 19 -2.60 1.36 4.49
C GLY A 19 -1.53 1.21 5.54
N LYS A 20 -0.52 0.39 5.25
CA LYS A 20 0.57 0.15 6.18
C LYS A 20 1.67 1.20 6.01
N VAL A 21 2.57 1.26 6.98
CA VAL A 21 3.66 2.22 6.95
C VAL A 21 5.02 1.52 6.91
N PHE A 22 5.82 1.84 5.90
CA PHE A 22 7.13 1.22 5.76
C PHE A 22 8.23 2.29 5.80
N THR A 23 9.28 2.02 6.57
CA THR A 23 10.39 2.95 6.70
C THR A 23 11.17 3.06 5.39
N HIS A 24 11.38 1.93 4.74
CA HIS A 24 12.11 1.90 3.47
C HIS A 24 11.19 1.50 2.32
N LYS A 25 11.09 2.37 1.32
CA LYS A 25 10.24 2.11 0.16
C LYS A 25 10.37 0.66 -0.29
N THR A 26 11.60 0.16 -0.32
CA THR A 26 11.87 -1.21 -0.74
C THR A 26 10.93 -2.18 -0.03
N ASN A 27 10.70 -1.94 1.26
CA ASN A 27 9.83 -2.81 2.05
C ASN A 27 8.38 -2.67 1.59
N LEU A 28 8.01 -1.49 1.12
CA LEU A 28 6.66 -1.23 0.65
C LEU A 28 6.42 -1.87 -0.71
N ILE A 29 7.35 -1.63 -1.63
CA ILE A 29 7.25 -2.19 -2.98
C ILE A 29 7.16 -3.71 -2.93
N ILE A 30 8.00 -4.33 -2.11
CA ILE A 30 8.02 -5.78 -1.97
C ILE A 30 6.77 -6.27 -1.27
N HIS A 31 6.23 -5.45 -0.37
CA HIS A 31 5.03 -5.82 0.37
C HIS A 31 3.80 -5.78 -0.52
N GLN A 32 3.62 -4.67 -1.23
CA GLN A 32 2.48 -4.51 -2.13
C GLN A 32 2.24 -5.79 -2.94
N LYS A 33 3.30 -6.59 -3.09
CA LYS A 33 3.19 -7.84 -3.83
C LYS A 33 2.12 -8.76 -3.24
N ILE A 34 2.11 -8.87 -1.91
CA ILE A 34 1.13 -9.69 -1.22
C ILE A 34 -0.27 -9.43 -1.74
N HIS A 35 -0.46 -8.27 -2.37
CA HIS A 35 -1.77 -7.91 -2.91
C HIS A 35 -1.90 -8.38 -4.36
N THR A 36 -0.79 -8.32 -5.10
CA THR A 36 -0.78 -8.74 -6.49
C THR A 36 0.10 -9.97 -6.70
N GLY A 37 -0.10 -10.98 -5.86
CA GLY A 37 0.69 -12.20 -5.96
C GLY A 37 -0.17 -13.44 -5.99
N GLU A 38 -0.92 -13.67 -4.92
CA GLU A 38 -1.79 -14.84 -4.82
C GLU A 38 -3.26 -14.42 -4.87
N ARG A 39 -3.74 -14.10 -6.06
CA ARG A 39 -5.13 -13.69 -6.24
C ARG A 39 -5.83 -14.58 -7.26
N PRO A 40 -7.12 -14.86 -7.02
CA PRO A 40 -7.93 -15.70 -7.91
C PRO A 40 -8.22 -15.02 -9.24
N SER A 41 -8.48 -13.71 -9.19
CA SER A 41 -8.78 -12.95 -10.39
C SER A 41 -7.54 -12.22 -10.90
N GLY A 42 -6.79 -12.89 -11.78
CA GLY A 42 -5.59 -12.30 -12.33
C GLY A 42 -5.31 -12.77 -13.74
N PRO A 43 -4.04 -12.65 -14.16
CA PRO A 43 -3.61 -13.07 -15.50
C PRO A 43 -3.65 -14.57 -15.68
N SER A 44 -4.73 -15.07 -16.28
CA SER A 44 -4.88 -16.50 -16.51
C SER A 44 -4.24 -16.92 -17.83
N SER A 45 -3.04 -16.39 -18.08
CA SER A 45 -2.31 -16.70 -19.30
C SER A 45 -3.24 -16.64 -20.52
N GLY A 46 -4.10 -15.64 -20.54
CA GLY A 46 -5.03 -15.49 -21.64
C GLY A 46 -6.09 -14.44 -21.38
N GLY A 1 -20.95 15.62 19.51
CA GLY A 1 -19.94 15.68 18.48
C GLY A 1 -18.56 15.98 19.03
N SER A 2 -17.56 15.23 18.56
CA SER A 2 -16.19 15.43 19.02
C SER A 2 -15.20 15.25 17.86
N SER A 3 -14.31 16.22 17.72
CA SER A 3 -13.32 16.19 16.64
C SER A 3 -11.95 16.63 17.16
N GLY A 4 -10.90 15.99 16.67
CA GLY A 4 -9.55 16.34 17.09
C GLY A 4 -8.56 15.22 16.85
N SER A 5 -8.22 14.99 15.58
CA SER A 5 -7.28 13.94 15.22
C SER A 5 -5.84 14.45 15.30
N SER A 6 -5.08 13.90 16.24
CA SER A 6 -3.69 14.29 16.42
C SER A 6 -2.76 13.11 16.20
N GLY A 7 -3.04 12.32 15.17
CA GLY A 7 -2.22 11.16 14.87
C GLY A 7 -0.92 11.53 14.19
N THR A 8 -0.11 10.53 13.86
CA THR A 8 1.17 10.76 13.20
C THR A 8 1.02 11.74 12.04
N GLY A 9 1.79 12.81 12.08
CA GLY A 9 1.72 13.80 11.01
C GLY A 9 2.58 13.43 9.81
N GLU A 10 3.82 13.04 10.07
CA GLU A 10 4.73 12.66 9.00
C GLU A 10 4.37 11.30 8.44
N ASN A 11 4.60 11.12 7.14
CA ASN A 11 4.29 9.85 6.48
C ASN A 11 5.25 9.59 5.32
N PRO A 12 6.21 8.67 5.55
CA PRO A 12 7.21 8.30 4.54
C PRO A 12 6.59 7.54 3.36
N PHE A 13 5.83 6.50 3.67
CA PHE A 13 5.20 5.69 2.64
C PHE A 13 4.06 4.86 3.23
N ILE A 14 2.90 4.89 2.56
CA ILE A 14 1.73 4.15 3.02
C ILE A 14 1.10 3.37 1.87
N CYS A 15 0.91 2.07 2.08
CA CYS A 15 0.30 1.22 1.07
C CYS A 15 -1.07 1.74 0.66
N SER A 16 -1.26 1.97 -0.63
CA SER A 16 -2.53 2.48 -1.14
C SER A 16 -3.51 1.33 -1.38
N GLU A 17 -3.41 0.30 -0.55
CA GLU A 17 -4.29 -0.86 -0.68
C GLU A 17 -4.86 -1.27 0.68
N CYS A 18 -3.99 -1.28 1.69
CA CYS A 18 -4.40 -1.65 3.05
C CYS A 18 -4.20 -0.49 4.01
N GLY A 19 -3.01 0.10 3.99
CA GLY A 19 -2.71 1.22 4.86
C GLY A 19 -1.57 0.92 5.80
N LYS A 20 -0.51 0.32 5.28
CA LYS A 20 0.66 -0.01 6.09
C LYS A 20 1.81 0.94 5.81
N VAL A 21 2.51 1.36 6.87
CA VAL A 21 3.64 2.27 6.73
C VAL A 21 4.96 1.52 6.71
N PHE A 22 5.83 1.89 5.79
CA PHE A 22 7.13 1.24 5.66
C PHE A 22 8.26 2.27 5.76
N THR A 23 9.31 1.92 6.50
CA THR A 23 10.45 2.81 6.68
C THR A 23 11.07 3.18 5.33
N HIS A 24 11.40 2.16 4.54
CA HIS A 24 12.00 2.38 3.23
C HIS A 24 11.15 1.76 2.13
N LYS A 25 10.85 2.54 1.10
CA LYS A 25 10.04 2.06 -0.01
C LYS A 25 10.33 0.59 -0.30
N THR A 26 11.60 0.27 -0.51
CA THR A 26 12.01 -1.09 -0.79
C THR A 26 11.12 -2.10 -0.06
N ASN A 27 10.96 -1.88 1.24
CA ASN A 27 10.14 -2.77 2.06
C ASN A 27 8.69 -2.74 1.59
N LEU A 28 8.18 -1.55 1.33
CA LEU A 28 6.79 -1.39 0.88
C LEU A 28 6.58 -2.10 -0.45
N ILE A 29 7.47 -1.87 -1.40
CA ILE A 29 7.37 -2.48 -2.71
C ILE A 29 7.29 -4.01 -2.60
N ILE A 30 8.05 -4.57 -1.66
CA ILE A 30 8.05 -6.01 -1.44
C ILE A 30 6.73 -6.48 -0.84
N HIS A 31 6.12 -5.63 -0.02
CA HIS A 31 4.85 -5.96 0.62
C HIS A 31 3.71 -5.91 -0.38
N GLN A 32 3.50 -4.73 -0.98
CA GLN A 32 2.44 -4.55 -1.96
C GLN A 32 2.33 -5.77 -2.87
N LYS A 33 3.43 -6.49 -3.02
CA LYS A 33 3.45 -7.68 -3.87
C LYS A 33 2.32 -8.63 -3.51
N ILE A 34 2.10 -8.83 -2.23
CA ILE A 34 1.03 -9.71 -1.76
C ILE A 34 -0.30 -9.33 -2.38
N HIS A 35 -0.48 -8.04 -2.66
CA HIS A 35 -1.71 -7.55 -3.27
C HIS A 35 -1.82 -8.00 -4.73
N THR A 36 -0.69 -8.01 -5.42
CA THR A 36 -0.65 -8.41 -6.83
C THR A 36 -0.24 -9.87 -6.96
N GLY A 37 -1.06 -10.65 -7.68
CA GLY A 37 -0.76 -12.05 -7.88
C GLY A 37 -1.97 -12.94 -7.64
N GLU A 38 -2.15 -13.37 -6.40
CA GLU A 38 -3.26 -14.23 -6.04
C GLU A 38 -4.34 -13.44 -5.29
N ARG A 39 -3.91 -12.66 -4.31
CA ARG A 39 -4.84 -11.86 -3.51
C ARG A 39 -5.66 -10.94 -4.41
N PRO A 40 -6.93 -10.72 -4.03
CA PRO A 40 -7.85 -9.86 -4.78
C PRO A 40 -7.47 -8.39 -4.69
N SER A 41 -7.47 -7.71 -5.84
CA SER A 41 -7.11 -6.30 -5.89
C SER A 41 -8.32 -5.45 -6.29
N GLY A 42 -8.43 -4.27 -5.71
CA GLY A 42 -9.54 -3.39 -6.01
C GLY A 42 -9.49 -2.86 -7.44
N PRO A 43 -10.66 -2.67 -8.05
CA PRO A 43 -10.76 -2.17 -9.42
C PRO A 43 -10.36 -0.71 -9.53
N SER A 44 -10.88 0.12 -8.65
CA SER A 44 -10.59 1.55 -8.64
C SER A 44 -9.42 1.86 -7.72
N SER A 45 -8.34 2.38 -8.29
CA SER A 45 -7.14 2.71 -7.51
C SER A 45 -7.35 4.03 -6.75
N GLY A 46 -7.87 3.92 -5.53
CA GLY A 46 -8.10 5.11 -4.73
C GLY A 46 -9.57 5.36 -4.48
N GLY A 1 -21.87 14.77 -2.82
CA GLY A 1 -21.41 15.48 -1.64
C GLY A 1 -20.24 14.78 -0.97
N SER A 2 -19.03 15.19 -1.33
CA SER A 2 -17.83 14.60 -0.77
C SER A 2 -17.69 14.94 0.72
N SER A 3 -16.84 14.20 1.41
CA SER A 3 -16.63 14.42 2.84
C SER A 3 -15.31 13.81 3.29
N GLY A 4 -14.82 14.26 4.44
CA GLY A 4 -13.56 13.75 4.96
C GLY A 4 -12.39 14.65 4.65
N SER A 5 -12.36 15.18 3.43
CA SER A 5 -11.28 16.05 3.00
C SER A 5 -9.95 15.63 3.61
N SER A 6 -9.72 14.32 3.64
CA SER A 6 -8.49 13.77 4.20
C SER A 6 -7.33 13.91 3.22
N GLY A 7 -6.11 13.92 3.74
CA GLY A 7 -4.94 14.03 2.90
C GLY A 7 -3.68 14.37 3.68
N THR A 8 -3.30 13.47 4.59
CA THR A 8 -2.12 13.68 5.41
C THR A 8 -0.89 13.07 4.76
N GLY A 9 0.23 13.79 4.80
CA GLY A 9 1.46 13.31 4.21
C GLY A 9 2.62 13.32 5.18
N GLU A 10 2.47 12.59 6.29
CA GLU A 10 3.50 12.52 7.31
C GLU A 10 4.36 11.25 7.14
N ASN A 11 3.70 10.10 7.18
CA ASN A 11 4.38 8.83 7.04
C ASN A 11 5.30 8.84 5.81
N PRO A 12 6.35 8.02 5.85
CA PRO A 12 7.32 7.91 4.75
C PRO A 12 6.72 7.24 3.53
N PHE A 13 6.11 6.09 3.73
CA PHE A 13 5.49 5.34 2.63
C PHE A 13 4.31 4.53 3.14
N ILE A 14 3.16 4.74 2.49
CA ILE A 14 1.94 4.02 2.87
C ILE A 14 1.37 3.24 1.68
N CYS A 15 0.82 2.07 1.96
CA CYS A 15 0.24 1.23 0.92
C CYS A 15 -1.16 1.71 0.55
N SER A 16 -1.42 1.82 -0.75
CA SER A 16 -2.72 2.28 -1.23
C SER A 16 -3.77 1.17 -1.10
N GLU A 17 -3.30 -0.06 -0.93
CA GLU A 17 -4.19 -1.20 -0.78
C GLU A 17 -4.78 -1.26 0.62
N CYS A 18 -3.93 -1.54 1.60
CA CYS A 18 -4.35 -1.62 2.99
C CYS A 18 -4.05 -0.34 3.74
N GLY A 19 -2.78 0.10 3.67
CA GLY A 19 -2.38 1.31 4.35
C GLY A 19 -1.33 1.06 5.42
N LYS A 20 -0.34 0.24 5.10
CA LYS A 20 0.72 -0.08 6.05
C LYS A 20 1.94 0.80 5.80
N VAL A 21 2.45 1.40 6.87
CA VAL A 21 3.62 2.26 6.79
C VAL A 21 4.91 1.45 6.83
N PHE A 22 5.80 1.72 5.89
CA PHE A 22 7.07 1.01 5.81
C PHE A 22 8.24 2.00 5.91
N THR A 23 9.36 1.51 6.46
CA THR A 23 10.54 2.34 6.62
C THR A 23 10.90 3.04 5.31
N HIS A 24 11.23 2.26 4.29
CA HIS A 24 11.59 2.80 2.99
C HIS A 24 10.75 2.16 1.88
N LYS A 25 10.69 2.83 0.74
CA LYS A 25 9.93 2.33 -0.40
C LYS A 25 10.27 0.88 -0.70
N THR A 26 11.53 0.50 -0.44
CA THR A 26 11.99 -0.85 -0.67
C THR A 26 11.14 -1.86 0.10
N ASN A 27 10.82 -1.52 1.34
CA ASN A 27 10.02 -2.41 2.19
C ASN A 27 8.57 -2.45 1.70
N LEU A 28 8.04 -1.29 1.33
CA LEU A 28 6.67 -1.20 0.85
C LEU A 28 6.48 -2.01 -0.42
N ILE A 29 7.40 -1.85 -1.36
CA ILE A 29 7.34 -2.58 -2.63
C ILE A 29 7.29 -4.08 -2.40
N ILE A 30 8.08 -4.56 -1.45
CA ILE A 30 8.13 -5.97 -1.12
C ILE A 30 6.78 -6.46 -0.59
N HIS A 31 6.09 -5.59 0.15
CA HIS A 31 4.79 -5.93 0.70
C HIS A 31 3.71 -5.87 -0.37
N GLN A 32 3.55 -4.71 -0.98
CA GLN A 32 2.56 -4.53 -2.03
C GLN A 32 2.38 -5.80 -2.85
N LYS A 33 3.46 -6.56 -2.98
CA LYS A 33 3.43 -7.80 -3.75
C LYS A 33 2.22 -8.65 -3.36
N ILE A 34 2.01 -8.82 -2.06
CA ILE A 34 0.89 -9.60 -1.56
C ILE A 34 -0.42 -9.11 -2.15
N HIS A 35 -0.47 -7.83 -2.51
CA HIS A 35 -1.67 -7.23 -3.09
C HIS A 35 -1.74 -7.51 -4.59
N THR A 36 -0.89 -8.41 -5.06
CA THR A 36 -0.85 -8.76 -6.48
C THR A 36 -0.18 -10.11 -6.70
N GLY A 37 -0.84 -10.98 -7.46
CA GLY A 37 -0.29 -12.29 -7.74
C GLY A 37 1.20 -12.26 -8.01
N GLU A 38 1.57 -12.10 -9.28
CA GLU A 38 2.97 -12.05 -9.66
C GLU A 38 3.73 -13.25 -9.11
N ARG A 39 3.12 -14.42 -9.19
CA ARG A 39 3.74 -15.64 -8.69
C ARG A 39 2.92 -16.87 -9.10
N PRO A 40 3.61 -18.00 -9.26
CA PRO A 40 2.96 -19.27 -9.65
C PRO A 40 2.09 -19.84 -8.53
N SER A 41 0.84 -19.42 -8.51
CA SER A 41 -0.11 -19.88 -7.49
C SER A 41 -0.03 -21.40 -7.33
N GLY A 42 0.12 -22.10 -8.45
CA GLY A 42 0.20 -23.54 -8.42
C GLY A 42 0.94 -24.05 -7.20
N PRO A 43 0.44 -25.16 -6.62
CA PRO A 43 1.04 -25.76 -5.43
C PRO A 43 2.39 -26.42 -5.73
N SER A 44 2.63 -26.68 -7.01
CA SER A 44 3.88 -27.31 -7.42
C SER A 44 5.06 -26.36 -7.23
N SER A 45 5.50 -26.24 -5.98
CA SER A 45 6.62 -25.35 -5.66
C SER A 45 7.88 -25.78 -6.41
N GLY A 46 8.18 -25.08 -7.50
CA GLY A 46 9.35 -25.39 -8.29
C GLY A 46 10.19 -24.17 -8.60
N GLY A 1 -13.76 21.15 21.87
CA GLY A 1 -13.89 20.13 20.85
C GLY A 1 -13.79 20.70 19.45
N SER A 2 -12.67 20.43 18.78
CA SER A 2 -12.46 20.93 17.43
C SER A 2 -11.52 20.00 16.64
N SER A 3 -11.95 19.61 15.45
CA SER A 3 -11.17 18.72 14.62
C SER A 3 -11.11 19.23 13.17
N GLY A 4 -9.99 18.97 12.51
CA GLY A 4 -9.83 19.41 11.14
C GLY A 4 -9.15 18.37 10.27
N SER A 5 -8.28 18.82 9.37
CA SER A 5 -7.57 17.92 8.47
C SER A 5 -6.07 18.21 8.48
N SER A 6 -5.30 17.27 9.02
CA SER A 6 -3.84 17.43 9.09
C SER A 6 -3.14 16.46 8.16
N GLY A 7 -3.54 15.19 8.23
CA GLY A 7 -2.94 14.17 7.38
C GLY A 7 -1.63 13.66 7.95
N THR A 8 -1.61 13.40 9.25
CA THR A 8 -0.41 12.90 9.91
C THR A 8 0.86 13.49 9.28
N GLY A 9 0.81 14.77 8.95
CA GLY A 9 1.95 15.43 8.35
C GLY A 9 2.29 14.86 6.97
N GLU A 10 3.50 14.32 6.84
CA GLU A 10 3.93 13.74 5.58
C GLU A 10 4.56 12.36 5.80
N ASN A 11 3.77 11.32 5.59
CA ASN A 11 4.25 9.96 5.76
C ASN A 11 5.29 9.60 4.70
N PRO A 12 6.21 8.70 5.06
CA PRO A 12 7.28 8.26 4.15
C PRO A 12 6.75 7.40 3.02
N PHE A 13 6.03 6.33 3.37
CA PHE A 13 5.46 5.43 2.38
C PHE A 13 4.36 4.57 2.99
N ILE A 14 3.17 4.67 2.43
CA ILE A 14 2.03 3.90 2.93
C ILE A 14 1.39 3.08 1.81
N CYS A 15 0.98 1.86 2.13
CA CYS A 15 0.35 0.98 1.16
C CYS A 15 -1.03 1.49 0.77
N SER A 16 -1.23 1.72 -0.52
CA SER A 16 -2.50 2.21 -1.02
C SER A 16 -3.48 1.07 -1.26
N GLU A 17 -3.40 0.06 -0.39
CA GLU A 17 -4.29 -1.10 -0.50
C GLU A 17 -4.89 -1.46 0.86
N CYS A 18 -4.04 -1.56 1.87
CA CYS A 18 -4.48 -1.90 3.21
C CYS A 18 -4.26 -0.73 4.17
N GLY A 19 -3.07 -0.14 4.11
CA GLY A 19 -2.75 0.97 4.97
C GLY A 19 -1.54 0.72 5.85
N LYS A 20 -0.54 0.07 5.28
CA LYS A 20 0.68 -0.25 6.03
C LYS A 20 1.81 0.69 5.64
N VAL A 21 2.41 1.35 6.62
CA VAL A 21 3.50 2.28 6.40
C VAL A 21 4.85 1.58 6.56
N PHE A 22 5.79 1.90 5.67
CA PHE A 22 7.12 1.30 5.72
C PHE A 22 8.20 2.39 5.75
N THR A 23 9.20 2.20 6.59
CA THR A 23 10.29 3.15 6.73
C THR A 23 11.05 3.30 5.41
N HIS A 24 11.33 2.18 4.76
CA HIS A 24 12.04 2.19 3.49
C HIS A 24 11.10 1.92 2.33
N LYS A 25 11.34 2.59 1.20
CA LYS A 25 10.51 2.42 0.02
C LYS A 25 10.52 0.98 -0.45
N THR A 26 11.70 0.36 -0.44
CA THR A 26 11.84 -1.02 -0.86
C THR A 26 10.92 -1.94 -0.06
N ASN A 27 10.93 -1.78 1.26
CA ASN A 27 10.09 -2.59 2.13
C ASN A 27 8.66 -2.62 1.64
N LEU A 28 8.10 -1.44 1.38
CA LEU A 28 6.73 -1.33 0.90
C LEU A 28 6.52 -2.16 -0.37
N ILE A 29 7.32 -1.88 -1.40
CA ILE A 29 7.22 -2.59 -2.66
C ILE A 29 7.15 -4.10 -2.43
N ILE A 30 8.00 -4.60 -1.54
CA ILE A 30 8.03 -6.02 -1.23
C ILE A 30 6.69 -6.48 -0.63
N HIS A 31 6.07 -5.61 0.15
CA HIS A 31 4.79 -5.92 0.77
C HIS A 31 3.66 -5.91 -0.26
N GLN A 32 3.42 -4.73 -0.85
CA GLN A 32 2.37 -4.58 -1.85
C GLN A 32 2.34 -5.78 -2.78
N LYS A 33 3.48 -6.46 -2.91
CA LYS A 33 3.58 -7.62 -3.78
C LYS A 33 2.39 -8.56 -3.58
N ILE A 34 1.89 -8.61 -2.35
CA ILE A 34 0.75 -9.46 -2.03
C ILE A 34 -0.54 -8.91 -2.64
N HIS A 35 -0.62 -7.60 -2.76
CA HIS A 35 -1.80 -6.95 -3.33
C HIS A 35 -1.82 -7.12 -4.85
N THR A 36 -0.65 -7.02 -5.47
CA THR A 36 -0.54 -7.15 -6.92
C THR A 36 -0.48 -8.62 -7.33
N GLY A 37 0.19 -9.43 -6.52
CA GLY A 37 0.32 -10.85 -6.82
C GLY A 37 0.18 -11.72 -5.58
N GLU A 38 0.14 -13.03 -5.79
CA GLU A 38 0.01 -13.97 -4.67
C GLU A 38 -1.28 -13.72 -3.90
N ARG A 39 -2.39 -13.61 -4.63
CA ARG A 39 -3.69 -13.36 -4.02
C ARG A 39 -4.69 -14.42 -4.46
N PRO A 40 -5.69 -14.68 -3.59
CA PRO A 40 -6.74 -15.68 -3.87
C PRO A 40 -7.68 -15.22 -4.98
N SER A 41 -7.72 -15.98 -6.07
CA SER A 41 -8.58 -15.64 -7.20
C SER A 41 -10.00 -15.34 -6.73
N GLY A 42 -10.36 -14.06 -6.73
CA GLY A 42 -11.68 -13.66 -6.31
C GLY A 42 -12.24 -12.52 -7.13
N PRO A 43 -12.07 -11.29 -6.64
CA PRO A 43 -12.55 -10.08 -7.33
C PRO A 43 -11.78 -9.79 -8.60
N SER A 44 -12.07 -8.64 -9.22
CA SER A 44 -11.38 -8.25 -10.44
C SER A 44 -11.44 -9.37 -11.48
N SER A 45 -12.60 -10.01 -11.60
CA SER A 45 -12.78 -11.10 -12.55
C SER A 45 -11.99 -10.85 -13.83
N GLY A 46 -11.13 -11.81 -14.18
CA GLY A 46 -10.32 -11.67 -15.38
C GLY A 46 -9.20 -12.68 -15.43
#